data_3TX7
#
_entry.id   3TX7
#
_cell.length_a   49.824
_cell.length_b   151.602
_cell.length_c   76.131
_cell.angle_alpha   90.00
_cell.angle_beta   96.96
_cell.angle_gamma   90.00
#
_symmetry.space_group_name_H-M   'P 1 21 1'
#
loop_
_entity.id
_entity.type
_entity.pdbx_description
1 polymer 'Catenin beta-1'
2 polymer 'Nuclear receptor subfamily 5 group A member 2'
3 non-polymer '(2S)-3-{[{[(2S)-2,3-DIHYDROXYPROPYL]OXY}(HYDROXY)PHOSPHORYL]OXY}-2-[(6E)-HEXADEC-6-ENOYLOXY]PROPYL (8E)-OCTADEC-8-ENOATE'
#
loop_
_entity_poly.entity_id
_entity_poly.type
_entity_poly.pdbx_seq_one_letter_code
_entity_poly.pdbx_strand_id
1 'polypeptide(L)'
;SNLINYQDDAELATRAIPELTKLLNDEDQVVVNKAAVMVHQLSKKEASRHAIMRSPQMVSAIVRTMQNTNDVETARCTAG
TLHNLSHHREGLLAIFKSGGIPALVKMLGSPVDSVLFYAITTLHNLLLHQEGAKMAVRLAGGLQKMVALLNKTNVKFLAI
TTDCLQILAYGNQESKLIILASGGPQALVNIMRTYTYEKLLWTTSRVLKVLSVCSSNKPAIVEAGGMQALGLHLTDPSQR
LVQNCLWTLRNLSDAATKQEGMEGLLGTLVQLLGSDDINVVTCAAGILSNLTCNNYKNKMMVCQVGGIEALVRTVLRAGD
REDITEPAICALRHLTSRHQEAEMAQNAVRLHYGLPVVVKLLHPPSHWPLIKATVGLIRNLALCPANHAPLREQGAIPRL
VQLLVRAHQDTQRRTSMGGTQQQFVEGVRMEEIVEGCTGALHILARDVHNRIVIRGLNTIPLFVQLLYSPIENIQRVAAG
VLCELAQDKEAAEAIEAEGATAPLTELLHSRNEGVATYAAAVLFRMS
;
A
2 'polypeptide(L)'
;SLKLEAMSQVIQAMPSDLTISSAIQNIHSASKGLPLNHAALPPTDYDRSPFVTSPISMTMPPHGSLQGYQTYGHFPSRAI
KSEYPDPYTSSPESIMGYSYMDSYQTSSPASIPHLILELLKCEPDEPQVQAKIMAYLQQEQANRSKHEKLSTFGLMCKMA
DQTLFSIVEWARSSIFFRELKVDDQMKLLQNCWSELLILDHIYRQVVHGKEGSIFLVTGQQVDYSIIASQAGATLNNLMS
HAQELVAKLRSLQFDQREFVCLKFLVLFSLDVKNLENFQLVEGVQEQVNAALLDYTMCNYPQQTEKFGQLLLRLPEIRAI
SMQAEEYLYYKHLNGDVPYNNLLIEMLHAKRA
;
B
#
loop_
_chem_comp.id
_chem_comp.type
_chem_comp.name
_chem_comp.formula
P6L non-polymer '(2S)-3-{[{[(2S)-2,3-DIHYDROXYPROPYL]OXY}(HYDROXY)PHOSPHORYL]OXY}-2-[(6E)-HEXADEC-6-ENOYLOXY]PROPYL (8E)-OCTADEC-8-ENOATE' 'C40 H75 O10 P'
#
# COMPACT_ATOMS: atom_id res chain seq x y z
N LEU A 12 -34.94 -3.10 44.23
CA LEU A 12 -34.12 -3.42 45.41
C LEU A 12 -32.72 -2.88 45.26
N ALA A 13 -31.96 -3.48 44.34
CA ALA A 13 -30.54 -3.17 44.17
C ALA A 13 -30.23 -1.68 44.33
N THR A 14 -31.14 -0.82 43.87
CA THR A 14 -31.03 0.62 43.97
C THR A 14 -30.76 1.12 45.40
N ARG A 15 -31.22 0.35 46.38
CA ARG A 15 -31.06 0.67 47.81
C ARG A 15 -29.78 0.08 48.38
N ALA A 16 -29.40 -1.08 47.86
CA ALA A 16 -28.15 -1.72 48.24
C ALA A 16 -26.95 -0.82 47.89
N ILE A 17 -26.91 -0.35 46.65
CA ILE A 17 -25.80 0.45 46.12
C ILE A 17 -25.38 1.67 46.96
N PRO A 18 -26.28 2.63 47.16
CA PRO A 18 -25.86 3.84 47.87
C PRO A 18 -25.20 3.50 49.20
N GLU A 19 -25.47 2.29 49.68
CA GLU A 19 -24.93 1.82 50.95
C GLU A 19 -23.44 1.51 50.85
N LEU A 20 -23.12 0.61 49.92
CA LEU A 20 -21.74 0.18 49.73
C LEU A 20 -20.87 1.31 49.21
N THR A 21 -21.47 2.19 48.40
CA THR A 21 -20.78 3.39 47.95
C THR A 21 -20.17 4.11 49.15
N LYS A 22 -20.95 4.28 50.22
CA LYS A 22 -20.48 4.99 51.41
C LYS A 22 -19.40 4.21 52.16
N LEU A 23 -19.49 2.88 52.13
CA LEU A 23 -18.50 2.02 52.77
C LEU A 23 -17.18 1.92 51.98
N LEU A 24 -17.25 2.18 50.68
CA LEU A 24 -16.06 2.13 49.84
C LEU A 24 -15.20 3.35 50.08
N ASN A 25 -15.78 4.33 50.76
CA ASN A 25 -15.07 5.56 51.10
C ASN A 25 -14.66 5.65 52.57
N ASP A 26 -14.96 4.61 53.35
CA ASP A 26 -14.58 4.60 54.76
C ASP A 26 -13.06 4.61 54.92
N GLU A 27 -12.58 4.72 56.16
CA GLU A 27 -11.14 4.85 56.41
C GLU A 27 -10.52 3.60 57.02
N ASP A 28 -11.37 2.65 57.40
CA ASP A 28 -10.87 1.36 57.89
C ASP A 28 -10.72 0.40 56.73
N GLN A 29 -9.49 0.21 56.26
CA GLN A 29 -9.22 -0.67 55.13
C GLN A 29 -9.89 -2.04 55.25
N VAL A 30 -10.37 -2.40 56.44
CA VAL A 30 -11.11 -3.65 56.63
C VAL A 30 -12.58 -3.47 56.24
N VAL A 31 -13.10 -2.28 56.49
CA VAL A 31 -14.43 -1.91 56.05
C VAL A 31 -14.45 -1.84 54.53
N VAL A 32 -13.68 -0.90 53.98
CA VAL A 32 -13.57 -0.74 52.55
C VAL A 32 -13.26 -2.07 51.86
N ASN A 33 -12.46 -2.92 52.53
CA ASN A 33 -12.18 -4.24 51.98
C ASN A 33 -13.43 -5.12 51.94
N LYS A 34 -14.23 -5.07 53.00
CA LYS A 34 -15.47 -5.84 53.02
C LYS A 34 -16.55 -5.24 52.13
N ALA A 35 -16.52 -3.92 51.97
CA ALA A 35 -17.38 -3.26 51.02
C ALA A 35 -17.11 -3.81 49.63
N ALA A 36 -15.84 -4.02 49.34
CA ALA A 36 -15.41 -4.46 48.00
C ALA A 36 -15.75 -5.92 47.70
N VAL A 37 -15.52 -6.82 48.66
CA VAL A 37 -15.83 -8.23 48.47
C VAL A 37 -17.32 -8.38 48.26
N MET A 38 -18.06 -7.46 48.87
CA MET A 38 -19.50 -7.41 48.78
C MET A 38 -19.90 -7.13 47.34
N VAL A 39 -19.44 -5.99 46.83
CA VAL A 39 -19.81 -5.49 45.51
C VAL A 39 -19.40 -6.40 44.36
N HIS A 40 -18.26 -7.05 44.50
CA HIS A 40 -17.82 -7.97 43.46
C HIS A 40 -18.85 -9.08 43.30
N GLN A 41 -19.43 -9.54 44.41
CA GLN A 41 -20.47 -10.56 44.36
C GLN A 41 -21.73 -10.04 43.67
N LEU A 42 -22.14 -8.82 44.02
CA LEU A 42 -23.32 -8.19 43.44
C LEU A 42 -23.23 -8.00 41.92
N SER A 43 -22.04 -7.61 41.45
CA SER A 43 -21.85 -7.41 40.02
C SER A 43 -22.00 -8.71 39.24
N LYS A 44 -21.94 -9.83 39.95
CA LYS A 44 -22.03 -11.15 39.32
C LYS A 44 -23.46 -11.49 38.90
N LYS A 45 -24.42 -10.70 39.39
CA LYS A 45 -25.83 -10.88 39.05
C LYS A 45 -26.32 -9.79 38.09
N GLU A 46 -27.21 -10.17 37.19
CA GLU A 46 -27.71 -9.27 36.16
C GLU A 46 -28.22 -7.97 36.77
N ALA A 47 -29.27 -8.08 37.57
CA ALA A 47 -29.97 -6.91 38.13
C ALA A 47 -29.10 -5.93 38.95
N SER A 48 -28.36 -6.46 39.92
CA SER A 48 -27.52 -5.61 40.77
C SER A 48 -26.46 -4.89 39.93
N ARG A 49 -25.73 -5.66 39.12
CA ARG A 49 -24.74 -5.13 38.20
C ARG A 49 -25.27 -3.96 37.38
N HIS A 50 -26.51 -4.08 36.93
CA HIS A 50 -27.12 -2.98 36.19
C HIS A 50 -27.29 -1.74 37.05
N ALA A 51 -27.57 -1.95 38.33
CA ALA A 51 -27.75 -0.86 39.28
C ALA A 51 -26.44 -0.10 39.48
N ILE A 52 -25.34 -0.84 39.52
CA ILE A 52 -24.02 -0.27 39.76
C ILE A 52 -23.57 0.64 38.64
N MET A 53 -23.66 0.15 37.40
CA MET A 53 -23.22 0.92 36.25
C MET A 53 -24.18 2.05 35.91
N ARG A 54 -25.32 2.06 36.59
CA ARG A 54 -26.23 3.20 36.51
C ARG A 54 -25.95 4.20 37.64
N SER A 55 -24.99 3.88 38.52
CA SER A 55 -24.64 4.71 39.66
C SER A 55 -23.21 5.27 39.60
N PRO A 56 -23.03 6.44 38.96
CA PRO A 56 -21.74 7.13 38.86
C PRO A 56 -20.94 7.16 40.15
N GLN A 57 -21.57 7.60 41.23
CA GLN A 57 -20.91 7.63 42.54
C GLN A 57 -20.23 6.30 42.84
N MET A 58 -20.92 5.20 42.56
CA MET A 58 -20.45 3.87 42.91
C MET A 58 -19.27 3.47 42.05
N VAL A 59 -19.48 3.55 40.74
CA VAL A 59 -18.44 3.21 39.79
C VAL A 59 -17.17 4.00 40.08
N SER A 60 -17.31 5.32 40.10
CA SER A 60 -16.22 6.21 40.48
C SER A 60 -15.52 5.73 41.76
N ALA A 61 -16.31 5.25 42.73
CA ALA A 61 -15.78 4.81 44.01
C ALA A 61 -15.00 3.53 43.88
N ILE A 62 -15.44 2.66 42.96
CA ILE A 62 -14.81 1.36 42.75
C ILE A 62 -13.43 1.53 42.12
N VAL A 63 -13.35 2.43 41.15
CA VAL A 63 -12.11 2.73 40.45
C VAL A 63 -11.06 3.28 41.41
N ARG A 64 -11.46 4.33 42.12
CA ARG A 64 -10.60 4.99 43.09
C ARG A 64 -10.13 4.04 44.21
N THR A 65 -10.92 3.02 44.52
CA THR A 65 -10.52 2.09 45.55
C THR A 65 -9.47 1.15 44.97
N MET A 66 -9.64 0.79 43.71
CA MET A 66 -8.75 -0.16 43.03
C MET A 66 -7.42 0.52 42.74
N GLN A 67 -7.51 1.77 42.30
CA GLN A 67 -6.33 2.61 42.14
C GLN A 67 -5.54 2.54 43.44
N ASN A 68 -5.77 3.51 44.33
CA ASN A 68 -5.01 3.55 45.58
C ASN A 68 -5.48 2.57 46.67
N THR A 69 -5.04 1.32 46.56
CA THR A 69 -5.22 0.29 47.58
C THR A 69 -3.92 -0.50 47.63
N ASN A 70 -3.73 -1.27 48.68
CA ASN A 70 -2.57 -2.16 48.76
C ASN A 70 -2.93 -3.51 49.35
N ASP A 71 -4.22 -3.83 49.27
CA ASP A 71 -4.67 -5.16 49.65
C ASP A 71 -4.94 -5.95 48.36
N VAL A 72 -4.25 -7.08 48.22
CA VAL A 72 -4.44 -7.96 47.06
C VAL A 72 -5.91 -8.30 46.86
N GLU A 73 -6.60 -8.57 47.96
CA GLU A 73 -7.98 -9.04 47.89
C GLU A 73 -8.90 -7.98 47.32
N THR A 74 -8.77 -6.76 47.80
CA THR A 74 -9.61 -5.67 47.33
C THR A 74 -9.28 -5.31 45.88
N ALA A 75 -8.05 -5.58 45.48
CA ALA A 75 -7.60 -5.37 44.11
C ALA A 75 -8.26 -6.39 43.18
N ARG A 76 -8.30 -7.64 43.61
CA ARG A 76 -8.91 -8.69 42.80
C ARG A 76 -10.40 -8.50 42.65
N CYS A 77 -11.03 -7.91 43.66
CA CYS A 77 -12.48 -7.74 43.68
C CYS A 77 -12.95 -6.48 42.95
N THR A 78 -12.17 -5.41 43.03
CA THR A 78 -12.50 -4.21 42.28
C THR A 78 -12.23 -4.42 40.79
N ALA A 79 -11.15 -5.14 40.48
CA ALA A 79 -10.76 -5.39 39.10
C ALA A 79 -11.77 -6.34 38.48
N GLY A 80 -12.16 -7.33 39.26
CA GLY A 80 -13.14 -8.29 38.80
C GLY A 80 -14.46 -7.62 38.53
N THR A 81 -14.79 -6.63 39.35
CA THR A 81 -16.07 -5.92 39.25
C THR A 81 -16.13 -5.14 37.95
N LEU A 82 -15.06 -4.42 37.64
CA LEU A 82 -15.01 -3.62 36.44
C LEU A 82 -15.07 -4.54 35.22
N HIS A 83 -14.48 -5.73 35.38
CA HIS A 83 -14.53 -6.75 34.34
C HIS A 83 -15.97 -7.12 34.02
N ASN A 84 -16.80 -7.27 35.04
CA ASN A 84 -18.21 -7.60 34.87
C ASN A 84 -19.04 -6.47 34.27
N LEU A 85 -18.81 -5.24 34.70
CA LEU A 85 -19.50 -4.09 34.10
C LEU A 85 -19.05 -3.89 32.66
N SER A 86 -17.88 -4.43 32.32
CA SER A 86 -17.28 -4.16 31.02
C SER A 86 -17.91 -5.03 29.93
N HIS A 87 -18.95 -5.78 30.30
CA HIS A 87 -19.66 -6.60 29.34
C HIS A 87 -20.85 -5.85 28.78
N HIS A 88 -21.14 -4.67 29.33
CA HIS A 88 -22.27 -3.87 28.85
C HIS A 88 -21.84 -2.51 28.31
N ARG A 89 -22.53 -2.06 27.26
CA ARG A 89 -22.20 -0.80 26.60
C ARG A 89 -22.18 0.33 27.62
N GLU A 90 -23.13 0.33 28.55
CA GLU A 90 -23.19 1.39 29.54
C GLU A 90 -22.17 1.18 30.66
N GLY A 91 -21.67 -0.06 30.78
CA GLY A 91 -20.60 -0.37 31.72
C GLY A 91 -19.28 0.24 31.30
N LEU A 92 -18.90 -0.05 30.05
CA LEU A 92 -17.75 0.60 29.43
C LEU A 92 -17.83 2.11 29.61
N LEU A 93 -19.00 2.66 29.34
CA LEU A 93 -19.18 4.10 29.39
C LEU A 93 -18.95 4.63 30.81
N ALA A 94 -19.42 3.88 31.81
CA ALA A 94 -19.21 4.27 33.21
C ALA A 94 -17.73 4.25 33.59
N ILE A 95 -17.06 3.12 33.33
CA ILE A 95 -15.62 3.00 33.56
C ILE A 95 -14.83 4.13 32.86
N PHE A 96 -15.15 4.38 31.59
CA PHE A 96 -14.55 5.48 30.86
C PHE A 96 -14.70 6.84 31.56
N LYS A 97 -15.93 7.37 31.66
CA LYS A 97 -16.20 8.67 32.31
C LYS A 97 -15.63 8.76 33.72
N SER A 98 -15.58 7.62 34.39
CA SER A 98 -15.18 7.57 35.77
C SER A 98 -13.64 7.50 35.94
N GLY A 99 -12.92 7.63 34.84
CA GLY A 99 -11.46 7.58 34.88
C GLY A 99 -10.81 6.25 35.25
N GLY A 100 -11.52 5.14 35.03
CA GLY A 100 -10.99 3.83 35.35
C GLY A 100 -9.91 3.31 34.41
N ILE A 101 -9.76 3.91 33.23
CA ILE A 101 -8.72 3.43 32.32
C ILE A 101 -7.31 3.57 32.90
N PRO A 102 -6.97 4.77 33.37
CA PRO A 102 -5.68 4.91 34.08
C PRO A 102 -5.50 3.94 35.27
N ALA A 103 -6.53 3.66 36.05
CA ALA A 103 -6.38 2.71 37.16
C ALA A 103 -6.14 1.29 36.68
N LEU A 104 -6.85 0.88 35.62
CA LEU A 104 -6.66 -0.43 35.02
C LEU A 104 -5.23 -0.59 34.47
N VAL A 105 -4.74 0.45 33.78
CA VAL A 105 -3.38 0.43 33.30
C VAL A 105 -2.39 0.29 34.46
N LYS A 106 -2.79 0.75 35.64
CA LYS A 106 -1.91 0.60 36.80
C LYS A 106 -1.93 -0.86 37.27
N MET A 107 -3.10 -1.49 37.19
CA MET A 107 -3.25 -2.88 37.61
C MET A 107 -2.40 -3.80 36.75
N LEU A 108 -2.02 -3.32 35.57
CA LEU A 108 -1.13 -4.08 34.70
C LEU A 108 0.25 -4.24 35.33
N GLY A 109 0.50 -3.47 36.40
CA GLY A 109 1.72 -3.60 37.15
C GLY A 109 1.63 -4.68 38.21
N SER A 110 0.43 -5.24 38.40
CA SER A 110 0.23 -6.19 39.48
C SER A 110 1.00 -7.49 39.27
N PRO A 111 1.54 -8.04 40.37
CA PRO A 111 2.17 -9.37 40.39
C PRO A 111 1.11 -10.45 40.31
N VAL A 112 0.00 -10.25 41.04
CA VAL A 112 -1.03 -11.28 41.17
C VAL A 112 -1.77 -11.53 39.86
N ASP A 113 -1.90 -12.82 39.51
CA ASP A 113 -2.35 -13.19 38.18
C ASP A 113 -3.86 -13.06 37.94
N SER A 114 -4.65 -13.00 39.01
CA SER A 114 -6.10 -12.82 38.85
C SER A 114 -6.43 -11.37 38.48
N VAL A 115 -5.61 -10.45 38.99
CA VAL A 115 -5.79 -9.04 38.74
C VAL A 115 -5.42 -8.71 37.30
N LEU A 116 -4.27 -9.22 36.85
CA LEU A 116 -3.82 -9.01 35.47
C LEU A 116 -4.89 -9.48 34.52
N PHE A 117 -5.42 -10.67 34.77
CA PHE A 117 -6.46 -11.19 33.91
C PHE A 117 -7.60 -10.18 33.81
N TYR A 118 -8.11 -9.78 34.97
CA TYR A 118 -9.25 -8.84 35.00
C TYR A 118 -8.93 -7.50 34.30
N ALA A 119 -7.79 -6.89 34.66
CA ALA A 119 -7.38 -5.62 34.09
C ALA A 119 -7.26 -5.68 32.57
N ILE A 120 -6.52 -6.66 32.06
CA ILE A 120 -6.30 -6.75 30.63
C ILE A 120 -7.59 -7.03 29.85
N THR A 121 -8.42 -7.95 30.33
CA THR A 121 -9.69 -8.21 29.64
C THR A 121 -10.59 -6.97 29.62
N THR A 122 -10.66 -6.28 30.76
CA THR A 122 -11.48 -5.07 30.85
C THR A 122 -10.95 -4.04 29.86
N LEU A 123 -9.63 -3.83 29.88
CA LEU A 123 -8.97 -2.97 28.92
C LEU A 123 -9.23 -3.44 27.48
N HIS A 124 -9.18 -4.76 27.26
CA HIS A 124 -9.50 -5.30 25.95
C HIS A 124 -10.92 -4.93 25.46
N ASN A 125 -11.93 -5.01 26.33
CA ASN A 125 -13.30 -4.69 25.90
C ASN A 125 -13.45 -3.20 25.68
N LEU A 126 -12.74 -2.42 26.48
CA LEU A 126 -12.72 -0.98 26.32
C LEU A 126 -12.14 -0.60 24.96
N LEU A 127 -10.96 -1.12 24.66
CA LEU A 127 -10.30 -0.80 23.41
C LEU A 127 -11.21 -1.13 22.25
N LEU A 128 -11.82 -2.31 22.31
CA LEU A 128 -12.71 -2.79 21.26
C LEU A 128 -14.01 -2.00 21.05
N HIS A 129 -14.73 -1.68 22.10
CA HIS A 129 -16.12 -1.21 21.95
C HIS A 129 -16.42 0.17 22.49
N GLN A 130 -15.39 0.91 22.87
CA GLN A 130 -15.62 2.16 23.56
C GLN A 130 -14.81 3.26 22.92
N GLU A 131 -15.47 4.24 22.34
CA GLU A 131 -14.73 5.32 21.69
C GLU A 131 -14.03 6.25 22.68
N GLY A 132 -12.80 6.62 22.33
CA GLY A 132 -11.95 7.41 23.19
C GLY A 132 -10.98 6.56 24.01
N ALA A 133 -11.26 5.26 24.10
CA ALA A 133 -10.48 4.35 24.94
C ALA A 133 -9.05 4.20 24.44
N LYS A 134 -8.84 4.23 23.12
CA LYS A 134 -7.50 4.04 22.61
C LYS A 134 -6.60 5.20 23.01
N MET A 135 -7.07 6.41 22.76
CA MET A 135 -6.31 7.58 23.15
C MET A 135 -6.09 7.52 24.65
N ALA A 136 -7.15 7.20 25.40
CA ALA A 136 -7.05 7.09 26.85
C ALA A 136 -5.95 6.12 27.31
N VAL A 137 -5.92 4.94 26.72
CA VAL A 137 -4.99 3.87 27.14
C VAL A 137 -3.54 4.24 26.79
N ARG A 138 -3.38 5.03 25.74
CA ARG A 138 -2.05 5.49 25.33
C ARG A 138 -1.53 6.54 26.30
N LEU A 139 -2.43 7.45 26.68
CA LEU A 139 -2.07 8.53 27.58
C LEU A 139 -1.75 8.02 28.99
N ALA A 140 -2.33 6.89 29.39
CA ALA A 140 -1.99 6.28 30.65
C ALA A 140 -0.72 5.45 30.61
N GLY A 141 -0.03 5.46 29.46
CA GLY A 141 1.18 4.65 29.26
C GLY A 141 0.90 3.15 29.18
N GLY A 142 -0.28 2.79 28.70
CA GLY A 142 -0.67 1.40 28.59
C GLY A 142 0.22 0.56 27.68
N LEU A 143 0.69 1.16 26.58
CA LEU A 143 1.57 0.44 25.63
C LEU A 143 2.81 -0.19 26.30
N GLN A 144 3.58 0.62 27.03
CA GLN A 144 4.77 0.13 27.73
C GLN A 144 4.43 -1.06 28.65
N LYS A 145 3.35 -0.91 29.39
CA LYS A 145 2.91 -1.94 30.31
C LYS A 145 2.57 -3.21 29.56
N MET A 146 1.88 -3.06 28.43
CA MET A 146 1.49 -4.23 27.65
C MET A 146 2.68 -4.94 27.00
N VAL A 147 3.61 -4.16 26.45
CA VAL A 147 4.85 -4.75 25.96
C VAL A 147 5.62 -5.46 27.09
N ALA A 148 5.57 -4.91 28.29
CA ALA A 148 6.34 -5.49 29.37
C ALA A 148 5.75 -6.83 29.81
N LEU A 149 4.44 -6.94 29.71
CA LEU A 149 3.71 -8.16 30.04
C LEU A 149 3.95 -9.27 29.06
N LEU A 150 4.70 -8.98 28.00
CA LEU A 150 4.91 -9.97 26.95
C LEU A 150 5.89 -11.08 27.36
N ASN A 151 6.62 -10.89 28.44
CA ASN A 151 7.46 -11.98 28.95
C ASN A 151 6.73 -12.96 29.88
N LYS A 152 5.46 -12.71 30.17
CA LYS A 152 4.63 -13.68 30.88
C LYS A 152 4.50 -14.97 30.07
N THR A 153 3.86 -15.98 30.66
CA THR A 153 3.93 -17.33 30.09
C THR A 153 2.55 -17.96 29.94
N ASN A 154 1.53 -17.31 30.46
CA ASN A 154 0.19 -17.77 30.19
C ASN A 154 -0.16 -17.34 28.76
N VAL A 155 -0.19 -18.32 27.85
CA VAL A 155 -0.40 -18.04 26.43
C VAL A 155 -1.78 -17.45 26.15
N LYS A 156 -2.79 -17.83 26.92
CA LYS A 156 -4.12 -17.25 26.75
C LYS A 156 -4.05 -15.76 27.11
N PHE A 157 -3.40 -15.46 28.23
CA PHE A 157 -3.15 -14.11 28.65
C PHE A 157 -2.39 -13.31 27.57
N LEU A 158 -1.32 -13.90 27.05
CA LEU A 158 -0.53 -13.31 25.98
C LEU A 158 -1.35 -13.04 24.73
N ALA A 159 -2.37 -13.87 24.48
CA ALA A 159 -3.27 -13.68 23.35
C ALA A 159 -4.04 -12.36 23.45
N ILE A 160 -4.56 -12.07 24.65
CA ILE A 160 -5.33 -10.84 24.87
C ILE A 160 -4.42 -9.62 24.81
N THR A 161 -3.22 -9.78 25.36
CA THR A 161 -2.28 -8.68 25.39
C THR A 161 -1.86 -8.28 23.97
N THR A 162 -1.42 -9.24 23.16
CA THR A 162 -1.06 -8.95 21.78
C THR A 162 -2.25 -8.40 20.99
N ASP A 163 -3.45 -8.95 21.21
CA ASP A 163 -4.60 -8.38 20.57
C ASP A 163 -4.79 -6.89 20.93
N CYS A 164 -4.61 -6.54 22.21
CA CYS A 164 -4.66 -5.13 22.63
C CYS A 164 -3.63 -4.27 21.90
N LEU A 165 -2.42 -4.78 21.77
CA LEU A 165 -1.37 -4.02 21.08
C LEU A 165 -1.76 -3.76 19.63
N GLN A 166 -2.37 -4.76 19.00
CA GLN A 166 -2.80 -4.70 17.61
C GLN A 166 -3.86 -3.60 17.43
N ILE A 167 -4.88 -3.61 18.29
CA ILE A 167 -5.93 -2.59 18.27
C ILE A 167 -5.34 -1.19 18.40
N LEU A 168 -4.36 -1.03 19.29
CA LEU A 168 -3.75 0.26 19.53
C LEU A 168 -2.79 0.64 18.43
N ALA A 169 -2.30 -0.36 17.73
CA ALA A 169 -1.23 -0.13 16.78
C ALA A 169 -1.81 0.26 15.42
N TYR A 170 -2.99 -0.26 15.14
CA TYR A 170 -3.62 -0.24 13.83
C TYR A 170 -3.88 1.16 13.31
N GLY A 171 -3.40 1.41 12.08
CA GLY A 171 -3.52 2.69 11.43
C GLY A 171 -3.00 3.86 12.25
N ASN A 172 -2.26 3.56 13.33
CA ASN A 172 -1.73 4.61 14.22
C ASN A 172 -0.20 4.65 14.34
N GLN A 173 0.46 5.36 13.43
CA GLN A 173 1.93 5.41 13.42
C GLN A 173 2.56 5.86 14.75
N GLU A 174 1.85 6.70 15.49
CA GLU A 174 2.33 7.22 16.78
C GLU A 174 2.56 6.08 17.79
N SER A 175 1.49 5.30 17.99
CA SER A 175 1.47 4.15 18.90
C SER A 175 2.51 3.11 18.51
N LYS A 176 2.61 2.82 17.20
CA LYS A 176 3.64 1.94 16.67
C LYS A 176 5.02 2.35 17.14
N LEU A 177 5.36 3.61 16.95
CA LEU A 177 6.70 4.08 17.26
C LEU A 177 6.95 3.89 18.76
N ILE A 178 5.87 3.97 19.53
CA ILE A 178 5.89 3.75 20.98
C ILE A 178 6.20 2.29 21.35
N ILE A 179 5.52 1.35 20.70
CA ILE A 179 5.76 -0.08 20.87
C ILE A 179 7.19 -0.46 20.49
N LEU A 180 7.68 0.15 19.42
CA LEU A 180 9.07 0.01 18.99
C LEU A 180 10.02 0.35 20.12
N ALA A 181 9.81 1.52 20.72
CA ALA A 181 10.68 2.04 21.77
C ALA A 181 10.56 1.26 23.09
N SER A 182 9.51 0.46 23.25
CA SER A 182 9.41 -0.39 24.45
C SER A 182 10.00 -1.78 24.25
N GLY A 183 10.60 -2.04 23.10
CA GLY A 183 11.16 -3.34 22.78
C GLY A 183 10.13 -4.32 22.22
N GLY A 184 9.05 -3.78 21.66
CA GLY A 184 7.95 -4.60 21.15
C GLY A 184 8.35 -5.67 20.15
N PRO A 185 9.12 -5.30 19.13
CA PRO A 185 9.59 -6.28 18.14
C PRO A 185 10.28 -7.54 18.72
N GLN A 186 11.36 -7.39 19.46
CA GLN A 186 12.00 -8.54 20.09
C GLN A 186 11.05 -9.41 20.92
N ALA A 187 10.15 -8.79 21.67
CA ALA A 187 9.17 -9.54 22.46
C ALA A 187 8.18 -10.32 21.57
N LEU A 188 7.65 -9.64 20.55
CA LEU A 188 6.81 -10.27 19.52
C LEU A 188 7.49 -11.43 18.78
N VAL A 189 8.73 -11.21 18.33
CA VAL A 189 9.46 -12.23 17.59
C VAL A 189 9.67 -13.42 18.52
N ASN A 190 10.04 -13.17 19.79
CA ASN A 190 10.22 -14.25 20.75
C ASN A 190 8.97 -15.09 20.96
N ILE A 191 7.81 -14.45 21.05
CA ILE A 191 6.58 -15.25 21.04
C ILE A 191 6.51 -16.19 19.82
N MET A 192 6.92 -15.73 18.64
CA MET A 192 6.79 -16.55 17.42
C MET A 192 7.80 -17.67 17.44
N ARG A 193 8.85 -17.51 18.23
CA ARG A 193 9.89 -18.54 18.30
C ARG A 193 9.57 -19.57 19.39
N THR A 194 8.65 -19.23 20.27
CA THR A 194 8.41 -20.01 21.47
C THR A 194 7.14 -20.86 21.46
N TYR A 195 6.00 -20.28 21.10
CA TYR A 195 4.71 -20.97 21.27
C TYR A 195 4.14 -21.60 20.00
N THR A 196 3.13 -22.44 20.18
CA THR A 196 2.50 -23.15 19.06
C THR A 196 0.98 -22.94 19.05
N TYR A 197 0.48 -22.22 20.06
CA TYR A 197 -0.91 -21.80 20.16
C TYR A 197 -1.32 -20.95 18.93
N GLU A 198 -2.13 -21.53 18.04
CA GLU A 198 -2.43 -20.87 16.78
C GLU A 198 -2.99 -19.45 17.02
N LYS A 199 -3.99 -19.35 17.89
CA LYS A 199 -4.61 -18.07 18.26
C LYS A 199 -3.56 -17.04 18.68
N LEU A 200 -2.68 -17.39 19.61
CA LEU A 200 -1.61 -16.48 19.99
C LEU A 200 -0.70 -16.07 18.82
N LEU A 201 -0.25 -17.04 18.02
CA LEU A 201 0.66 -16.79 16.92
C LEU A 201 -0.02 -15.96 15.85
N TRP A 202 -1.31 -16.21 15.66
CA TRP A 202 -2.11 -15.39 14.77
C TRP A 202 -2.21 -13.92 15.24
N THR A 203 -2.63 -13.69 16.49
CA THR A 203 -2.68 -12.33 17.05
C THR A 203 -1.31 -11.66 17.10
N THR A 204 -0.26 -12.43 17.37
CA THR A 204 1.08 -11.86 17.44
C THR A 204 1.55 -11.46 16.05
N SER A 205 1.18 -12.25 15.05
CA SER A 205 1.55 -11.92 13.68
C SER A 205 0.78 -10.71 13.11
N ARG A 206 -0.39 -10.38 13.65
CA ARG A 206 -1.05 -9.14 13.20
C ARG A 206 -0.31 -7.90 13.70
N VAL A 207 0.14 -7.96 14.93
CA VAL A 207 0.93 -6.88 15.47
C VAL A 207 2.16 -6.71 14.61
N LEU A 208 2.89 -7.77 14.35
CA LEU A 208 4.07 -7.68 13.48
C LEU A 208 3.70 -7.16 12.06
N LYS A 209 2.60 -7.64 11.50
CA LYS A 209 2.13 -7.20 10.20
C LYS A 209 2.00 -5.67 10.19
N VAL A 210 1.11 -5.18 11.05
CA VAL A 210 0.89 -3.77 11.30
C VAL A 210 2.20 -2.99 11.58
N LEU A 211 3.08 -3.54 12.39
CA LEU A 211 4.36 -2.89 12.66
C LEU A 211 5.33 -2.90 11.46
N SER A 212 5.24 -3.90 10.59
CA SER A 212 6.24 -4.04 9.54
C SER A 212 6.12 -2.98 8.44
N VAL A 213 5.02 -2.25 8.43
CA VAL A 213 4.84 -1.22 7.41
C VAL A 213 5.49 0.10 7.84
N CYS A 214 5.80 0.20 9.14
CA CYS A 214 6.50 1.35 9.70
C CYS A 214 7.99 1.22 9.44
N SER A 215 8.59 2.27 8.88
CA SER A 215 10.01 2.23 8.49
C SER A 215 11.02 2.24 9.65
N SER A 216 10.56 2.49 10.86
CA SER A 216 11.48 2.44 11.99
C SER A 216 11.40 1.04 12.58
N ASN A 217 10.19 0.50 12.56
CA ASN A 217 9.89 -0.80 13.13
C ASN A 217 10.46 -1.92 12.26
N LYS A 218 10.35 -1.76 10.95
CA LYS A 218 10.83 -2.77 10.00
C LYS A 218 12.28 -3.21 10.27
N PRO A 219 13.22 -2.26 10.33
CA PRO A 219 14.59 -2.72 10.66
C PRO A 219 14.69 -3.46 12.01
N ALA A 220 13.96 -3.05 13.04
CA ALA A 220 14.14 -3.65 14.37
C ALA A 220 13.64 -5.06 14.41
N ILE A 221 12.52 -5.30 13.71
CA ILE A 221 11.97 -6.63 13.60
C ILE A 221 12.95 -7.57 12.85
N VAL A 222 13.49 -7.08 11.74
CA VAL A 222 14.49 -7.84 11.00
C VAL A 222 15.66 -8.16 11.91
N GLU A 223 16.11 -7.15 12.66
CA GLU A 223 17.22 -7.29 13.59
C GLU A 223 16.98 -8.32 14.69
N ALA A 224 15.72 -8.46 15.09
CA ALA A 224 15.32 -9.38 16.16
C ALA A 224 15.15 -10.81 15.65
N GLY A 225 15.66 -11.08 14.45
CA GLY A 225 15.47 -12.36 13.79
C GLY A 225 14.02 -12.62 13.38
N GLY A 226 13.30 -11.56 13.00
CA GLY A 226 11.87 -11.68 12.70
C GLY A 226 11.56 -12.53 11.48
N MET A 227 12.37 -12.38 10.45
CA MET A 227 12.12 -13.12 9.22
C MET A 227 12.29 -14.63 9.37
N GLN A 228 13.38 -15.04 10.03
CA GLN A 228 13.61 -16.45 10.30
C GLN A 228 12.46 -17.04 11.15
N ALA A 229 12.00 -16.29 12.15
CA ALA A 229 10.92 -16.73 13.03
C ALA A 229 9.59 -16.88 12.31
N LEU A 230 9.24 -15.91 11.47
CA LEU A 230 8.04 -15.98 10.64
C LEU A 230 8.16 -17.16 9.67
N GLY A 231 9.36 -17.33 9.12
CA GLY A 231 9.69 -18.52 8.35
C GLY A 231 9.27 -19.85 8.94
N LEU A 232 9.35 -20.02 10.26
CA LEU A 232 8.93 -21.30 10.86
C LEU A 232 7.44 -21.63 10.65
N HIS A 233 6.61 -20.65 10.34
CA HIS A 233 5.17 -20.90 10.40
C HIS A 233 4.47 -21.01 9.07
N LEU A 234 5.24 -20.94 7.99
CA LEU A 234 4.70 -20.90 6.62
C LEU A 234 3.94 -22.16 6.14
N THR A 235 4.28 -23.32 6.71
CA THR A 235 3.58 -24.57 6.37
C THR A 235 2.43 -24.90 7.32
N ASP A 236 2.16 -24.04 8.30
CA ASP A 236 1.14 -24.29 9.31
C ASP A 236 -0.22 -24.50 8.64
N PRO A 237 -1.05 -25.37 9.23
CA PRO A 237 -2.39 -25.63 8.69
C PRO A 237 -3.24 -24.35 8.58
N SER A 238 -3.09 -23.45 9.55
CA SER A 238 -3.92 -22.23 9.62
C SER A 238 -3.67 -21.24 8.50
N GLN A 239 -4.64 -21.10 7.59
CA GLN A 239 -4.44 -20.20 6.47
C GLN A 239 -4.28 -18.75 6.92
N ARG A 240 -4.95 -18.39 8.01
CA ARG A 240 -4.91 -16.99 8.46
C ARG A 240 -3.57 -16.65 9.11
N LEU A 241 -3.00 -17.61 9.80
CA LEU A 241 -1.67 -17.45 10.35
C LEU A 241 -0.66 -17.34 9.23
N VAL A 242 -0.75 -18.23 8.24
CA VAL A 242 0.19 -18.24 7.14
C VAL A 242 0.11 -16.95 6.31
N GLN A 243 -1.08 -16.39 6.17
CA GLN A 243 -1.16 -15.13 5.44
C GLN A 243 -0.61 -13.89 6.21
N ASN A 244 -0.67 -13.87 7.54
CA ASN A 244 0.00 -12.76 8.24
C ASN A 244 1.49 -12.87 8.05
N CYS A 245 1.98 -14.11 8.04
CA CYS A 245 3.41 -14.32 7.92
C CYS A 245 3.91 -13.90 6.54
N LEU A 246 3.16 -14.23 5.49
CA LEU A 246 3.57 -13.80 4.17
C LEU A 246 3.47 -12.28 4.01
N TRP A 247 2.34 -11.68 4.40
CA TRP A 247 2.26 -10.22 4.44
C TRP A 247 3.48 -9.61 5.11
N THR A 248 3.81 -10.10 6.31
CA THR A 248 4.86 -9.46 7.09
C THR A 248 6.21 -9.64 6.45
N LEU A 249 6.57 -10.89 6.17
CA LEU A 249 7.76 -11.21 5.37
C LEU A 249 7.89 -10.33 4.12
N ARG A 250 6.82 -10.19 3.34
CA ARG A 250 6.88 -9.29 2.19
C ARG A 250 7.25 -7.82 2.53
N ASN A 251 6.65 -7.26 3.58
CA ASN A 251 6.96 -5.91 4.02
C ASN A 251 8.40 -5.77 4.54
N LEU A 252 8.88 -6.76 5.30
CA LEU A 252 10.20 -6.71 5.91
C LEU A 252 11.33 -6.96 4.92
N SER A 253 11.02 -7.66 3.83
CA SER A 253 12.05 -8.15 2.91
C SER A 253 12.84 -7.11 2.06
N ASP A 254 12.37 -5.88 1.90
CA ASP A 254 13.24 -4.88 1.27
C ASP A 254 14.40 -4.37 2.17
N ALA A 255 14.52 -4.94 3.36
CA ALA A 255 15.40 -4.43 4.40
C ALA A 255 16.10 -5.58 5.14
N ALA A 256 16.67 -6.51 4.40
CA ALA A 256 17.12 -7.78 4.98
C ALA A 256 18.34 -8.41 4.33
N THR A 257 19.06 -7.61 3.54
CA THR A 257 20.31 -8.02 2.87
C THR A 257 21.40 -8.38 3.90
N LYS A 258 21.14 -8.02 5.16
CA LYS A 258 22.06 -8.27 6.25
C LYS A 258 22.05 -9.72 6.71
N GLN A 259 20.86 -10.31 6.80
CA GLN A 259 20.63 -11.51 7.62
C GLN A 259 21.33 -12.80 7.20
N GLU A 260 21.59 -13.62 8.21
CA GLU A 260 22.09 -14.99 8.07
C GLU A 260 21.05 -15.97 8.61
N GLY A 261 21.33 -17.26 8.53
CA GLY A 261 20.37 -18.27 8.94
C GLY A 261 19.11 -18.26 8.09
N MET A 262 19.25 -17.83 6.83
CA MET A 262 18.12 -17.67 5.91
C MET A 262 17.83 -18.88 5.01
N GLU A 263 18.66 -19.91 5.11
CA GLU A 263 18.57 -21.07 4.23
C GLU A 263 17.19 -21.74 4.23
N GLY A 264 16.63 -21.95 5.41
CA GLY A 264 15.33 -22.60 5.52
C GLY A 264 14.20 -21.76 4.95
N LEU A 265 14.23 -20.47 5.25
CA LEU A 265 13.18 -19.57 4.79
C LEU A 265 13.14 -19.53 3.26
N LEU A 266 14.31 -19.32 2.67
CA LEU A 266 14.46 -19.29 1.22
C LEU A 266 13.98 -20.60 0.61
N GLY A 267 14.36 -21.70 1.24
CA GLY A 267 13.90 -23.02 0.84
C GLY A 267 12.40 -23.11 0.84
N THR A 268 11.77 -22.80 1.98
CA THR A 268 10.33 -22.82 2.08
C THR A 268 9.68 -21.89 1.05
N LEU A 269 10.33 -20.75 0.78
CA LEU A 269 9.80 -19.80 -0.21
C LEU A 269 9.69 -20.41 -1.60
N VAL A 270 10.74 -21.12 -2.01
CA VAL A 270 10.73 -21.81 -3.30
C VAL A 270 9.61 -22.84 -3.35
N GLN A 271 9.48 -23.69 -2.33
CA GLN A 271 8.39 -24.66 -2.32
C GLN A 271 6.98 -24.02 -2.42
N LEU A 272 6.77 -22.89 -1.76
CA LEU A 272 5.47 -22.25 -1.77
C LEU A 272 5.12 -21.74 -3.15
N LEU A 273 6.14 -21.54 -3.99
CA LEU A 273 5.90 -21.20 -5.40
C LEU A 273 4.93 -22.18 -6.08
N GLY A 274 4.84 -23.41 -5.56
CA GLY A 274 3.98 -24.41 -6.13
C GLY A 274 2.61 -24.53 -5.50
N SER A 275 2.27 -23.58 -4.65
CA SER A 275 1.04 -23.60 -3.86
C SER A 275 -0.19 -23.50 -4.75
N ASP A 276 -1.25 -24.21 -4.36
CA ASP A 276 -2.54 -24.15 -5.06
C ASP A 276 -3.16 -22.77 -4.96
N ASP A 277 -2.65 -22.01 -4.00
CA ASP A 277 -3.17 -20.70 -3.64
C ASP A 277 -2.48 -19.59 -4.40
N ILE A 278 -3.18 -19.02 -5.36
CA ILE A 278 -2.59 -17.96 -6.15
C ILE A 278 -1.95 -16.84 -5.31
N ASN A 279 -2.50 -16.58 -4.12
CA ASN A 279 -1.92 -15.52 -3.26
C ASN A 279 -0.65 -15.94 -2.55
N VAL A 280 -0.59 -17.20 -2.11
CA VAL A 280 0.62 -17.66 -1.45
C VAL A 280 1.74 -17.52 -2.48
N VAL A 281 1.43 -17.91 -3.70
CA VAL A 281 2.39 -17.92 -4.80
C VAL A 281 2.88 -16.51 -5.08
N THR A 282 1.93 -15.57 -5.25
CA THR A 282 2.27 -14.15 -5.44
C THR A 282 3.24 -13.59 -4.38
N CYS A 283 2.98 -13.86 -3.10
CA CYS A 283 3.83 -13.31 -2.02
C CYS A 283 5.17 -13.96 -2.01
N ALA A 284 5.20 -15.26 -2.24
CA ALA A 284 6.45 -16.02 -2.34
C ALA A 284 7.38 -15.38 -3.36
N ALA A 285 6.87 -15.13 -4.57
CA ALA A 285 7.70 -14.51 -5.58
C ALA A 285 8.21 -13.16 -5.09
N GLY A 286 7.31 -12.32 -4.55
CA GLY A 286 7.67 -10.98 -4.08
C GLY A 286 8.76 -10.94 -3.01
N ILE A 287 8.62 -11.80 -2.03
CA ILE A 287 9.62 -11.91 -0.99
C ILE A 287 10.94 -12.37 -1.63
N LEU A 288 10.89 -13.38 -2.52
CA LEU A 288 12.11 -13.87 -3.19
C LEU A 288 12.76 -12.78 -4.01
N SER A 289 11.95 -12.09 -4.79
CA SER A 289 12.42 -10.91 -5.50
C SER A 289 13.16 -10.01 -4.53
N ASN A 290 12.51 -9.69 -3.40
CA ASN A 290 13.06 -8.78 -2.40
C ASN A 290 14.34 -9.26 -1.71
N LEU A 291 14.39 -10.55 -1.37
CA LEU A 291 15.54 -11.11 -0.68
C LEU A 291 16.76 -11.38 -1.57
N THR A 292 16.54 -11.41 -2.88
CA THR A 292 17.62 -11.73 -3.80
C THR A 292 18.19 -10.46 -4.40
N CYS A 293 17.44 -9.37 -4.27
CA CYS A 293 17.90 -8.05 -4.70
C CYS A 293 19.20 -7.63 -4.03
N ASN A 294 20.22 -7.44 -4.85
CA ASN A 294 21.55 -7.03 -4.39
C ASN A 294 22.03 -7.77 -3.16
N ASN A 295 21.78 -9.08 -3.09
CA ASN A 295 22.27 -9.91 -2.01
C ASN A 295 22.75 -11.24 -2.54
N TYR A 296 24.05 -11.35 -2.78
CA TYR A 296 24.62 -12.52 -3.48
C TYR A 296 24.48 -13.88 -2.79
N LYS A 297 24.42 -13.92 -1.45
CA LYS A 297 24.33 -15.21 -0.75
C LYS A 297 22.95 -15.82 -0.90
N ASN A 298 21.95 -14.95 -1.08
CA ASN A 298 20.59 -15.38 -1.30
C ASN A 298 20.37 -15.84 -2.75
N LYS A 299 20.94 -15.08 -3.68
CA LYS A 299 21.00 -15.54 -5.06
C LYS A 299 21.56 -16.96 -5.09
N MET A 300 22.70 -17.16 -4.42
CA MET A 300 23.32 -18.49 -4.37
C MET A 300 22.41 -19.60 -3.84
N MET A 301 21.72 -19.34 -2.73
CA MET A 301 20.93 -20.38 -2.06
C MET A 301 19.62 -20.71 -2.80
N VAL A 302 19.09 -19.72 -3.48
CA VAL A 302 17.83 -19.90 -4.17
C VAL A 302 18.09 -20.69 -5.42
N CYS A 303 19.18 -20.36 -6.11
CA CYS A 303 19.61 -21.12 -7.28
C CYS A 303 19.85 -22.59 -6.95
N GLN A 304 20.34 -22.86 -5.73
CA GLN A 304 20.71 -24.22 -5.32
C GLN A 304 19.53 -25.16 -5.04
N VAL A 305 18.42 -24.64 -4.55
CA VAL A 305 17.24 -25.48 -4.34
C VAL A 305 16.30 -25.50 -5.54
N GLY A 306 16.78 -25.02 -6.69
CA GLY A 306 16.02 -25.10 -7.90
C GLY A 306 15.11 -23.90 -8.11
N GLY A 307 15.48 -22.77 -7.51
CA GLY A 307 14.75 -21.54 -7.65
C GLY A 307 14.48 -21.11 -9.08
N ILE A 308 15.49 -21.13 -9.94
CA ILE A 308 15.33 -20.77 -11.36
C ILE A 308 14.27 -21.64 -12.06
N GLU A 309 14.34 -22.95 -11.81
CA GLU A 309 13.34 -23.86 -12.38
C GLU A 309 11.95 -23.47 -11.86
N ALA A 310 11.82 -23.34 -10.53
CA ALA A 310 10.56 -22.97 -9.89
C ALA A 310 10.00 -21.66 -10.36
N LEU A 311 10.85 -20.66 -10.60
CA LEU A 311 10.38 -19.35 -11.06
C LEU A 311 9.87 -19.33 -12.49
N VAL A 312 10.52 -20.10 -13.38
CA VAL A 312 10.08 -20.24 -14.77
C VAL A 312 8.73 -20.96 -14.80
N ARG A 313 8.62 -22.04 -14.02
CA ARG A 313 7.34 -22.72 -13.93
C ARG A 313 6.25 -21.73 -13.51
N THR A 314 6.60 -20.81 -12.62
CA THR A 314 5.62 -19.89 -12.08
C THR A 314 5.18 -18.88 -13.14
N VAL A 315 6.13 -18.30 -13.84
CA VAL A 315 5.78 -17.40 -14.94
C VAL A 315 4.90 -18.07 -16.00
N LEU A 316 5.20 -19.33 -16.32
CA LEU A 316 4.39 -20.06 -17.31
C LEU A 316 2.97 -20.23 -16.79
N ARG A 317 2.85 -20.65 -15.54
CA ARG A 317 1.56 -20.90 -14.93
C ARG A 317 0.67 -19.65 -14.89
N ALA A 318 1.27 -18.47 -14.69
CA ALA A 318 0.50 -17.25 -14.46
C ALA A 318 -0.07 -16.64 -15.74
N GLY A 319 0.52 -16.97 -16.88
CA GLY A 319 0.04 -16.40 -18.12
C GLY A 319 0.11 -14.89 -18.03
N ASP A 320 -1.04 -14.24 -18.24
CA ASP A 320 -1.12 -12.78 -18.30
C ASP A 320 -1.40 -12.13 -16.95
N ARG A 321 -1.24 -12.90 -15.88
CA ARG A 321 -1.44 -12.37 -14.54
C ARG A 321 -0.19 -11.73 -13.96
N GLU A 322 -0.14 -10.41 -14.09
CA GLU A 322 1.06 -9.62 -13.83
C GLU A 322 1.36 -9.44 -12.35
N ASP A 323 0.34 -9.61 -11.50
CA ASP A 323 0.57 -9.63 -10.06
C ASP A 323 1.57 -10.74 -9.75
N ILE A 324 1.56 -11.78 -10.59
CA ILE A 324 2.52 -12.86 -10.42
C ILE A 324 3.81 -12.73 -11.25
N THR A 325 3.68 -12.52 -12.54
CA THR A 325 4.86 -12.59 -13.39
C THR A 325 5.88 -11.50 -13.07
N GLU A 326 5.38 -10.35 -12.63
CA GLU A 326 6.24 -9.20 -12.37
C GLU A 326 7.19 -9.44 -11.16
N PRO A 327 6.66 -9.86 -10.01
CA PRO A 327 7.60 -10.28 -8.96
C PRO A 327 8.49 -11.44 -9.43
N ALA A 328 7.92 -12.48 -10.06
CA ALA A 328 8.73 -13.58 -10.58
C ALA A 328 9.83 -13.20 -11.58
N ILE A 329 9.52 -12.37 -12.58
CA ILE A 329 10.55 -11.84 -13.46
C ILE A 329 11.66 -11.11 -12.69
N CYS A 330 11.25 -10.19 -11.82
CA CYS A 330 12.18 -9.50 -10.93
C CYS A 330 13.14 -10.42 -10.21
N ALA A 331 12.65 -11.53 -9.67
CA ALA A 331 13.56 -12.45 -8.99
C ALA A 331 14.54 -13.03 -10.01
N LEU A 332 14.02 -13.52 -11.14
CA LEU A 332 14.87 -14.04 -12.21
C LEU A 332 15.94 -13.02 -12.66
N ARG A 333 15.57 -11.73 -12.70
CA ARG A 333 16.56 -10.69 -12.99
C ARG A 333 17.64 -10.62 -11.92
N HIS A 334 17.27 -10.69 -10.65
CA HIS A 334 18.27 -10.73 -9.59
C HIS A 334 19.15 -11.97 -9.68
N LEU A 335 18.54 -13.11 -9.97
CA LEU A 335 19.24 -14.39 -9.97
C LEU A 335 20.21 -14.58 -11.12
N THR A 336 20.11 -13.72 -12.13
CA THR A 336 20.95 -13.89 -13.32
C THR A 336 22.05 -12.83 -13.45
N SER A 337 22.35 -12.14 -12.35
CA SER A 337 23.45 -11.19 -12.34
C SER A 337 24.26 -11.27 -11.06
N ARG A 338 25.55 -10.98 -11.19
CA ARG A 338 26.42 -10.66 -10.07
C ARG A 338 26.41 -11.63 -8.90
N HIS A 339 26.73 -12.89 -9.21
CA HIS A 339 27.07 -13.87 -8.20
C HIS A 339 27.78 -15.09 -8.82
N GLN A 340 28.28 -15.98 -7.98
CA GLN A 340 29.07 -17.12 -8.43
C GLN A 340 28.32 -17.95 -9.47
N GLU A 341 27.02 -18.16 -9.24
CA GLU A 341 26.22 -18.99 -10.14
C GLU A 341 25.31 -18.23 -11.10
N ALA A 342 25.56 -16.93 -11.29
CA ALA A 342 24.81 -16.13 -12.27
C ALA A 342 24.78 -16.78 -13.65
N GLU A 343 25.90 -17.35 -14.07
CA GLU A 343 26.02 -17.93 -15.40
C GLU A 343 25.19 -19.20 -15.59
N MET A 344 25.24 -20.14 -14.63
CA MET A 344 24.40 -21.32 -14.74
C MET A 344 22.94 -20.95 -14.88
N ALA A 345 22.57 -19.85 -14.22
CA ALA A 345 21.19 -19.40 -14.15
C ALA A 345 20.70 -18.75 -15.46
N GLN A 346 21.55 -17.96 -16.10
CA GLN A 346 21.20 -17.40 -17.40
C GLN A 346 20.92 -18.52 -18.41
N ASN A 347 21.57 -19.67 -18.17
CA ASN A 347 21.42 -20.86 -18.99
C ASN A 347 20.19 -21.69 -18.61
N ALA A 348 20.00 -21.92 -17.31
CA ALA A 348 18.84 -22.67 -16.85
C ALA A 348 17.51 -22.02 -17.22
N VAL A 349 17.53 -20.72 -17.48
CA VAL A 349 16.31 -20.07 -17.91
C VAL A 349 15.91 -20.59 -19.28
N ARG A 350 16.90 -20.73 -20.16
CA ARG A 350 16.70 -21.28 -21.50
C ARG A 350 16.41 -22.77 -21.38
N LEU A 351 17.28 -23.45 -20.63
CA LEU A 351 17.20 -24.89 -20.50
C LEU A 351 15.85 -25.30 -19.98
N HIS A 352 15.19 -24.41 -19.24
CA HIS A 352 13.90 -24.77 -18.67
C HIS A 352 12.73 -24.14 -19.40
N TYR A 353 12.92 -23.89 -20.70
CA TYR A 353 11.86 -23.42 -21.58
C TYR A 353 11.30 -22.10 -21.10
N GLY A 354 12.21 -21.21 -20.70
CA GLY A 354 11.86 -19.89 -20.22
C GLY A 354 12.06 -18.77 -21.21
N LEU A 355 12.96 -18.94 -22.18
CA LEU A 355 13.24 -17.82 -23.09
C LEU A 355 12.02 -17.28 -23.83
N PRO A 356 11.33 -18.14 -24.61
CA PRO A 356 10.19 -17.65 -25.38
C PRO A 356 9.16 -16.88 -24.54
N VAL A 357 8.78 -17.40 -23.38
CA VAL A 357 7.81 -16.71 -22.54
C VAL A 357 8.32 -15.37 -21.99
N VAL A 358 9.60 -15.30 -21.65
CA VAL A 358 10.19 -14.05 -21.19
C VAL A 358 10.07 -12.98 -22.27
N VAL A 359 10.29 -13.36 -23.52
CA VAL A 359 10.23 -12.42 -24.62
C VAL A 359 8.78 -12.09 -24.95
N LYS A 360 7.90 -13.09 -24.87
CA LYS A 360 6.46 -12.87 -25.06
C LYS A 360 5.95 -11.73 -24.15
N LEU A 361 6.42 -11.69 -22.91
CA LEU A 361 5.96 -10.70 -21.94
C LEU A 361 6.28 -9.24 -22.32
N LEU A 362 7.08 -9.03 -23.37
CA LEU A 362 7.40 -7.66 -23.80
C LEU A 362 6.24 -7.05 -24.55
N HIS A 363 5.34 -7.90 -25.01
CA HIS A 363 4.23 -7.43 -25.82
C HIS A 363 2.99 -7.18 -24.99
N PRO A 364 2.07 -6.36 -25.55
CA PRO A 364 0.75 -6.18 -24.93
C PRO A 364 0.15 -7.58 -24.75
N PRO A 365 -0.69 -7.78 -23.72
CA PRO A 365 -1.28 -6.79 -22.80
C PRO A 365 -0.37 -6.30 -21.67
N SER A 366 0.89 -6.70 -21.65
CA SER A 366 1.80 -6.29 -20.56
C SER A 366 1.87 -4.78 -20.33
N HIS A 367 1.92 -4.38 -19.06
CA HIS A 367 2.07 -2.98 -18.71
C HIS A 367 3.53 -2.65 -18.39
N TRP A 368 3.83 -1.36 -18.22
CA TRP A 368 5.20 -0.90 -18.04
C TRP A 368 5.97 -1.54 -16.87
N PRO A 369 5.33 -1.72 -15.70
CA PRO A 369 6.10 -2.37 -14.64
C PRO A 369 6.63 -3.75 -15.03
N LEU A 370 5.79 -4.59 -15.61
CA LEU A 370 6.25 -5.90 -16.09
C LEU A 370 7.30 -5.71 -17.17
N ILE A 371 7.04 -4.78 -18.09
CA ILE A 371 7.94 -4.56 -19.23
C ILE A 371 9.34 -4.14 -18.79
N LYS A 372 9.42 -3.17 -17.88
CA LYS A 372 10.68 -2.78 -17.25
C LYS A 372 11.43 -3.99 -16.64
N ALA A 373 10.72 -4.80 -15.87
CA ALA A 373 11.35 -5.97 -15.26
C ALA A 373 11.88 -6.93 -16.32
N THR A 374 11.08 -7.18 -17.35
CA THR A 374 11.40 -8.17 -18.36
C THR A 374 12.60 -7.73 -19.21
N VAL A 375 12.59 -6.46 -19.59
CA VAL A 375 13.71 -5.84 -20.25
C VAL A 375 15.00 -6.04 -19.47
N GLY A 376 14.96 -5.85 -18.14
CA GLY A 376 16.12 -6.07 -17.30
C GLY A 376 16.55 -7.52 -17.20
N LEU A 377 15.59 -8.44 -17.23
CA LEU A 377 15.92 -9.87 -17.27
C LEU A 377 16.57 -10.27 -18.60
N ILE A 378 16.06 -9.72 -19.70
CA ILE A 378 16.58 -10.07 -21.01
C ILE A 378 18.02 -9.58 -21.14
N ARG A 379 18.30 -8.41 -20.57
CA ARG A 379 19.67 -7.91 -20.59
C ARG A 379 20.61 -8.91 -19.91
N ASN A 380 20.17 -9.48 -18.80
CA ASN A 380 21.00 -10.45 -18.11
C ASN A 380 21.14 -11.73 -18.89
N LEU A 381 20.02 -12.23 -19.43
CA LEU A 381 20.04 -13.48 -20.21
C LEU A 381 21.01 -13.39 -21.38
N ALA A 382 21.13 -12.21 -21.96
CA ALA A 382 22.00 -11.99 -23.09
C ALA A 382 23.48 -12.11 -22.73
N LEU A 383 23.83 -11.89 -21.46
CA LEU A 383 25.21 -12.02 -21.01
C LEU A 383 25.76 -13.40 -21.33
N CYS A 384 24.85 -14.36 -21.46
CA CYS A 384 25.21 -15.72 -21.82
C CYS A 384 25.08 -15.93 -23.35
N PRO A 385 26.21 -16.22 -24.02
CA PRO A 385 26.24 -16.24 -25.49
C PRO A 385 25.26 -17.26 -26.08
N ALA A 386 25.08 -18.39 -25.39
CA ALA A 386 24.12 -19.40 -25.81
C ALA A 386 22.64 -18.92 -25.85
N ASN A 387 22.37 -17.72 -25.36
CA ASN A 387 21.03 -17.16 -25.45
C ASN A 387 20.96 -16.13 -26.57
N HIS A 388 22.13 -15.70 -27.04
CA HIS A 388 22.21 -14.72 -28.11
C HIS A 388 21.36 -15.12 -29.31
N ALA A 389 21.38 -16.39 -29.69
CA ALA A 389 20.62 -16.79 -30.87
C ALA A 389 19.13 -16.99 -30.55
N PRO A 390 18.83 -17.76 -29.49
CA PRO A 390 17.44 -17.97 -29.06
C PRO A 390 16.69 -16.66 -28.89
N LEU A 391 17.30 -15.69 -28.21
CA LEU A 391 16.65 -14.39 -28.03
C LEU A 391 16.35 -13.65 -29.34
N ARG A 392 17.16 -13.88 -30.38
CA ARG A 392 16.96 -13.20 -31.67
C ARG A 392 15.80 -13.86 -32.43
N GLU A 393 15.82 -15.18 -32.45
CA GLU A 393 14.77 -16.01 -33.04
C GLU A 393 13.38 -15.67 -32.52
N GLN A 394 13.31 -15.27 -31.25
CA GLN A 394 12.04 -14.94 -30.59
C GLN A 394 11.54 -13.51 -30.86
N GLY A 395 12.37 -12.67 -31.46
CA GLY A 395 11.93 -11.33 -31.83
C GLY A 395 12.19 -10.24 -30.82
N ALA A 396 13.09 -10.50 -29.87
CA ALA A 396 13.48 -9.52 -28.85
C ALA A 396 13.78 -8.14 -29.43
N ILE A 397 14.63 -8.13 -30.45
CA ILE A 397 15.21 -6.90 -30.96
C ILE A 397 14.20 -5.92 -31.58
N PRO A 398 13.33 -6.42 -32.48
CA PRO A 398 12.39 -5.45 -33.02
C PRO A 398 11.53 -4.86 -31.90
N ARG A 399 11.13 -5.70 -30.96
CA ARG A 399 10.29 -5.24 -29.85
C ARG A 399 11.01 -4.24 -28.93
N LEU A 400 12.25 -4.59 -28.55
CA LEU A 400 13.12 -3.71 -27.79
C LEU A 400 13.35 -2.34 -28.45
N VAL A 401 13.55 -2.34 -29.76
CA VAL A 401 13.71 -1.08 -30.48
C VAL A 401 12.38 -0.31 -30.55
N GLN A 402 11.29 -1.03 -30.81
CA GLN A 402 9.95 -0.43 -30.84
C GLN A 402 9.60 0.30 -29.52
N LEU A 403 9.95 -0.34 -28.39
CA LEU A 403 9.75 0.24 -27.06
C LEU A 403 10.66 1.42 -26.80
N LEU A 404 11.89 1.33 -27.31
CA LEU A 404 12.86 2.39 -27.19
C LEU A 404 12.40 3.67 -27.89
N VAL A 405 12.09 3.57 -29.17
CA VAL A 405 11.64 4.74 -29.92
C VAL A 405 10.32 5.27 -29.36
N ARG A 406 9.51 4.37 -28.83
CA ARG A 406 8.27 4.79 -28.18
C ARG A 406 8.51 5.54 -26.86
N ALA A 407 9.52 5.16 -26.10
CA ALA A 407 9.76 5.81 -24.82
C ALA A 407 10.62 7.07 -25.00
N HIS A 408 11.46 7.06 -26.03
CA HIS A 408 12.28 8.22 -26.36
C HIS A 408 11.39 9.37 -26.85
N GLN A 409 10.49 9.08 -27.78
CA GLN A 409 9.53 10.07 -28.24
C GLN A 409 8.66 10.61 -27.09
N ASP A 410 8.35 9.78 -26.11
CA ASP A 410 7.49 10.19 -24.98
C ASP A 410 8.25 10.97 -23.92
N THR A 411 9.48 11.35 -24.25
CA THR A 411 10.31 12.16 -23.35
C THR A 411 10.19 13.64 -23.76
N GLN A 412 9.28 13.90 -24.70
CA GLN A 412 9.04 15.25 -25.26
C GLN A 412 7.65 15.77 -24.88
N GLN A 423 5.41 12.19 -16.95
CA GLN A 423 6.44 11.88 -15.95
C GLN A 423 6.52 10.38 -15.59
N PHE A 424 5.63 9.92 -14.70
CA PHE A 424 5.57 8.51 -14.29
C PHE A 424 4.34 7.85 -14.88
N VAL A 425 4.51 7.16 -16.01
CA VAL A 425 3.36 6.63 -16.77
C VAL A 425 2.46 5.61 -16.05
N GLU A 426 2.95 4.43 -15.73
CA GLU A 426 2.14 3.54 -14.91
C GLU A 426 2.96 3.15 -13.70
N GLY A 427 3.80 4.07 -13.25
CA GLY A 427 4.70 3.84 -12.14
C GLY A 427 6.12 3.90 -12.68
N VAL A 428 6.21 3.95 -14.00
CA VAL A 428 7.50 3.85 -14.68
C VAL A 428 7.84 5.12 -15.44
N ARG A 429 9.04 5.65 -15.19
CA ARG A 429 9.55 6.77 -15.97
C ARG A 429 9.97 6.27 -17.34
N MET A 430 9.41 6.86 -18.39
CA MET A 430 9.80 6.49 -19.74
C MET A 430 11.33 6.60 -19.99
N GLU A 431 12.01 7.38 -19.16
CA GLU A 431 13.47 7.49 -19.26
C GLU A 431 14.16 6.23 -18.69
N GLU A 432 13.40 5.39 -17.99
CA GLU A 432 13.90 4.10 -17.53
C GLU A 432 13.71 3.07 -18.64
N ILE A 433 12.71 3.28 -19.49
CA ILE A 433 12.51 2.35 -20.58
C ILE A 433 13.50 2.63 -21.71
N VAL A 434 13.90 3.88 -21.89
CA VAL A 434 14.96 4.19 -22.84
C VAL A 434 16.25 3.48 -22.41
N GLU A 435 16.63 3.66 -21.16
CA GLU A 435 17.89 3.14 -20.66
C GLU A 435 17.93 1.62 -20.68
N GLY A 436 16.89 0.98 -20.15
CA GLY A 436 16.85 -0.46 -20.04
C GLY A 436 16.87 -1.13 -21.40
N CYS A 437 16.20 -0.52 -22.37
CA CYS A 437 16.10 -1.05 -23.71
C CYS A 437 17.43 -0.92 -24.43
N THR A 438 18.06 0.23 -24.27
CA THR A 438 19.36 0.49 -24.88
C THR A 438 20.42 -0.40 -24.26
N GLY A 439 20.25 -0.72 -22.98
CA GLY A 439 21.14 -1.64 -22.30
C GLY A 439 20.97 -3.09 -22.74
N ALA A 440 19.75 -3.52 -23.01
CA ALA A 440 19.54 -4.91 -23.40
C ALA A 440 20.15 -5.14 -24.78
N LEU A 441 20.06 -4.11 -25.61
CA LEU A 441 20.63 -4.11 -26.94
C LEU A 441 22.17 -4.06 -26.89
N HIS A 442 22.70 -3.28 -25.96
CA HIS A 442 24.13 -3.18 -25.73
C HIS A 442 24.75 -4.55 -25.51
N ILE A 443 24.03 -5.42 -24.83
CA ILE A 443 24.55 -6.76 -24.58
C ILE A 443 24.27 -7.66 -25.78
N LEU A 444 23.11 -7.48 -26.40
CA LEU A 444 22.76 -8.33 -27.52
C LEU A 444 23.73 -8.12 -28.69
N ALA A 445 24.13 -6.85 -28.87
CA ALA A 445 25.10 -6.43 -29.89
C ALA A 445 26.48 -7.08 -29.79
N ARG A 446 26.67 -8.00 -28.86
CA ARG A 446 27.93 -8.72 -28.75
C ARG A 446 28.03 -9.84 -29.80
N ASP A 447 26.96 -9.97 -30.58
CA ASP A 447 26.85 -11.04 -31.55
C ASP A 447 26.55 -10.42 -32.91
N VAL A 448 27.36 -10.78 -33.89
CA VAL A 448 27.36 -10.09 -35.17
C VAL A 448 26.00 -10.18 -35.87
N HIS A 449 25.36 -11.36 -35.79
CA HIS A 449 24.04 -11.51 -36.37
C HIS A 449 23.08 -10.50 -35.75
N ASN A 450 23.18 -10.34 -34.42
CA ASN A 450 22.38 -9.35 -33.71
C ASN A 450 22.72 -7.92 -34.18
N ARG A 451 24.01 -7.63 -34.34
CA ARG A 451 24.42 -6.32 -34.83
C ARG A 451 23.87 -6.02 -36.22
N ILE A 452 23.80 -7.02 -37.10
CA ILE A 452 23.24 -6.78 -38.44
C ILE A 452 21.78 -6.37 -38.30
N VAL A 453 21.03 -7.09 -37.47
CA VAL A 453 19.64 -6.79 -37.22
C VAL A 453 19.43 -5.40 -36.60
N ILE A 454 20.24 -5.08 -35.58
CA ILE A 454 20.09 -3.79 -34.90
C ILE A 454 20.32 -2.60 -35.85
N ARG A 455 21.33 -2.74 -36.72
CA ARG A 455 21.61 -1.73 -37.74
C ARG A 455 20.43 -1.61 -38.69
N GLY A 456 19.96 -2.75 -39.17
CA GLY A 456 18.84 -2.83 -40.09
C GLY A 456 17.63 -2.00 -39.68
N LEU A 457 17.30 -2.05 -38.40
CA LEU A 457 16.12 -1.33 -37.90
C LEU A 457 16.35 0.17 -37.87
N ASN A 458 17.50 0.60 -38.37
CA ASN A 458 17.80 2.01 -38.54
C ASN A 458 17.98 2.69 -37.20
N THR A 459 18.79 2.08 -36.36
CA THR A 459 18.87 2.48 -34.96
C THR A 459 19.91 3.56 -34.71
N ILE A 460 20.97 3.51 -35.53
CA ILE A 460 22.13 4.39 -35.34
C ILE A 460 21.81 5.86 -35.08
N PRO A 461 20.90 6.46 -35.87
CA PRO A 461 20.58 7.87 -35.61
C PRO A 461 20.05 8.08 -34.19
N LEU A 462 19.34 7.10 -33.66
CA LEU A 462 18.80 7.22 -32.31
C LEU A 462 19.90 7.16 -31.27
N PHE A 463 20.71 6.11 -31.33
CA PHE A 463 21.82 5.95 -30.40
C PHE A 463 22.68 7.22 -30.35
N VAL A 464 22.87 7.84 -31.51
CA VAL A 464 23.61 9.10 -31.60
C VAL A 464 22.82 10.26 -30.97
N GLN A 465 21.53 10.35 -31.29
CA GLN A 465 20.67 11.32 -30.61
C GLN A 465 20.74 11.11 -29.10
N LEU A 466 20.74 9.86 -28.66
CA LEU A 466 20.75 9.53 -27.23
C LEU A 466 21.99 10.02 -26.49
N LEU A 467 23.05 10.26 -27.25
CA LEU A 467 24.30 10.74 -26.65
C LEU A 467 24.11 12.10 -25.98
N TYR A 468 23.08 12.84 -26.41
CA TYR A 468 22.81 14.16 -25.85
C TYR A 468 21.85 14.11 -24.66
N SER A 469 21.40 12.93 -24.31
CA SER A 469 20.52 12.79 -23.15
C SER A 469 21.16 13.33 -21.88
N PRO A 470 20.40 14.12 -21.12
CA PRO A 470 20.83 14.71 -19.84
C PRO A 470 21.21 13.65 -18.81
N ILE A 471 20.54 12.50 -18.83
CA ILE A 471 20.81 11.44 -17.84
C ILE A 471 22.11 10.74 -18.16
N GLU A 472 23.03 10.72 -17.21
CA GLU A 472 24.33 10.10 -17.42
C GLU A 472 24.17 8.64 -17.90
N ASN A 473 23.26 7.90 -17.28
CA ASN A 473 23.10 6.49 -17.59
C ASN A 473 22.59 6.19 -19.00
N ILE A 474 21.89 7.15 -19.60
CA ILE A 474 21.43 6.97 -20.97
C ILE A 474 22.59 7.16 -21.93
N GLN A 475 23.45 8.14 -21.64
CA GLN A 475 24.64 8.39 -22.45
C GLN A 475 25.44 7.10 -22.47
N ARG A 476 25.59 6.50 -21.30
CA ARG A 476 26.43 5.33 -21.13
C ARG A 476 26.03 4.15 -22.02
N VAL A 477 24.74 3.80 -22.03
CA VAL A 477 24.27 2.65 -22.81
C VAL A 477 24.25 2.94 -24.30
N ALA A 478 23.87 4.16 -24.67
CA ALA A 478 23.96 4.62 -26.04
C ALA A 478 25.39 4.55 -26.54
N ALA A 479 26.33 5.04 -25.75
CA ALA A 479 27.74 4.97 -26.10
C ALA A 479 28.23 3.52 -26.08
N GLY A 480 27.57 2.69 -25.28
CA GLY A 480 27.91 1.29 -25.19
C GLY A 480 27.50 0.47 -26.40
N VAL A 481 26.36 0.80 -26.99
CA VAL A 481 25.88 0.01 -28.11
C VAL A 481 26.54 0.46 -29.42
N LEU A 482 26.81 1.76 -29.53
CA LEU A 482 27.55 2.27 -30.68
C LEU A 482 28.95 1.67 -30.67
N CYS A 483 29.48 1.47 -29.46
CA CYS A 483 30.77 0.85 -29.29
C CYS A 483 30.79 -0.60 -29.78
N GLU A 484 29.79 -1.40 -29.38
CA GLU A 484 29.72 -2.78 -29.86
C GLU A 484 29.48 -2.86 -31.37
N LEU A 485 28.68 -1.94 -31.89
CA LEU A 485 28.43 -1.88 -33.34
C LEU A 485 29.69 -1.50 -34.10
N ALA A 486 30.41 -0.50 -33.59
CA ALA A 486 31.57 0.06 -34.26
C ALA A 486 32.74 -0.90 -34.45
N GLN A 487 32.58 -2.15 -34.02
CA GLN A 487 33.63 -3.14 -34.23
C GLN A 487 33.56 -3.66 -35.67
N ASP A 488 32.59 -3.11 -36.42
CA ASP A 488 32.39 -3.47 -37.81
C ASP A 488 32.54 -2.22 -38.70
N LYS A 489 33.35 -2.35 -39.75
CA LYS A 489 33.78 -1.23 -40.58
C LYS A 489 32.67 -0.32 -41.09
N GLU A 490 31.70 -0.91 -41.81
CA GLU A 490 30.61 -0.14 -42.38
C GLU A 490 29.78 0.52 -41.30
N ALA A 491 29.63 -0.19 -40.19
CA ALA A 491 28.91 0.30 -39.03
C ALA A 491 29.63 1.50 -38.44
N ALA A 492 30.92 1.31 -38.20
CA ALA A 492 31.80 2.35 -37.66
C ALA A 492 31.75 3.64 -38.49
N GLU A 493 31.73 3.47 -39.82
CA GLU A 493 31.62 4.60 -40.75
C GLU A 493 30.22 5.21 -40.71
N ALA A 494 29.20 4.35 -40.75
CA ALA A 494 27.81 4.80 -40.63
C ALA A 494 27.64 5.70 -39.42
N ILE A 495 28.29 5.33 -38.31
CA ILE A 495 28.22 6.10 -37.07
C ILE A 495 28.89 7.47 -37.21
N GLU A 496 30.03 7.49 -37.88
CA GLU A 496 30.76 8.72 -38.19
C GLU A 496 29.84 9.68 -38.97
N ALA A 497 29.36 9.19 -40.11
CA ALA A 497 28.45 9.92 -41.00
C ALA A 497 27.21 10.49 -40.30
N GLU A 498 27.00 10.12 -39.05
CA GLU A 498 25.78 10.54 -38.35
C GLU A 498 25.99 11.71 -37.39
N GLY A 499 27.23 12.21 -37.30
CA GLY A 499 27.52 13.34 -36.44
C GLY A 499 27.85 12.90 -35.03
N ALA A 500 28.44 11.72 -34.93
CA ALA A 500 28.74 11.09 -33.65
C ALA A 500 30.00 11.67 -33.04
N THR A 501 30.96 11.99 -33.91
CA THR A 501 32.30 12.42 -33.49
C THR A 501 32.30 13.71 -32.67
N ALA A 502 31.28 14.54 -32.85
CA ALA A 502 31.17 15.79 -32.10
C ALA A 502 30.76 15.58 -30.65
N PRO A 503 29.59 14.95 -30.42
CA PRO A 503 29.13 14.68 -29.06
C PRO A 503 30.07 13.70 -28.35
N LEU A 504 30.55 12.70 -29.09
CA LEU A 504 31.40 11.66 -28.54
C LEU A 504 32.62 12.25 -27.82
N THR A 505 33.30 13.15 -28.50
CA THR A 505 34.47 13.83 -27.96
C THR A 505 34.15 14.61 -26.67
N GLU A 506 33.06 15.38 -26.70
CA GLU A 506 32.65 16.13 -25.52
C GLU A 506 32.33 15.25 -24.32
N LEU A 507 32.16 13.95 -24.57
CA LEU A 507 31.84 12.99 -23.52
C LEU A 507 33.08 12.38 -22.89
N LEU A 508 34.18 12.40 -23.64
CA LEU A 508 35.50 11.97 -23.15
C LEU A 508 35.83 12.62 -21.81
N HIS A 509 35.34 13.83 -21.60
CA HIS A 509 35.48 14.51 -20.33
C HIS A 509 34.13 14.49 -19.61
N SER A 510 33.85 13.38 -18.95
CA SER A 510 32.59 13.21 -18.23
C SER A 510 32.83 12.66 -16.84
N ARG A 511 31.95 13.03 -15.91
CA ARG A 511 32.10 12.60 -14.51
C ARG A 511 32.37 11.10 -14.38
N ASN A 512 31.40 10.28 -14.78
CA ASN A 512 31.53 8.83 -14.61
C ASN A 512 32.37 8.16 -15.70
N GLU A 513 33.13 7.14 -15.30
CA GLU A 513 34.08 6.48 -16.19
C GLU A 513 33.36 5.89 -17.40
N GLY A 514 32.34 5.09 -17.12
CA GLY A 514 31.61 4.37 -18.14
C GLY A 514 31.35 5.12 -19.42
N VAL A 515 30.82 6.34 -19.31
CA VAL A 515 30.52 7.12 -20.50
C VAL A 515 31.82 7.55 -21.16
N ALA A 516 32.80 7.91 -20.33
CA ALA A 516 34.11 8.32 -20.80
C ALA A 516 34.80 7.21 -21.60
N THR A 517 34.98 6.05 -20.97
CA THR A 517 35.68 4.94 -21.60
C THR A 517 35.00 4.50 -22.91
N TYR A 518 33.68 4.32 -22.88
CA TYR A 518 32.94 3.92 -24.08
C TYR A 518 33.07 4.95 -25.21
N ALA A 519 32.94 6.23 -24.85
CA ALA A 519 33.06 7.33 -25.80
C ALA A 519 34.41 7.27 -26.50
N ALA A 520 35.43 6.92 -25.73
CA ALA A 520 36.78 6.79 -26.27
C ALA A 520 36.84 5.62 -27.24
N ALA A 521 36.22 4.50 -26.85
CA ALA A 521 36.26 3.28 -27.65
C ALA A 521 35.54 3.45 -28.99
N VAL A 522 34.52 4.29 -29.02
CA VAL A 522 33.82 4.58 -30.28
C VAL A 522 34.70 5.44 -31.18
N LEU A 523 35.16 6.56 -30.65
CA LEU A 523 36.10 7.43 -31.34
C LEU A 523 37.27 6.62 -31.92
N PHE A 524 37.82 5.73 -31.11
CA PHE A 524 38.88 4.81 -31.54
C PHE A 524 38.70 4.33 -33.00
N ARG A 525 37.48 3.97 -33.37
CA ARG A 525 37.21 3.49 -34.74
C ARG A 525 36.89 4.62 -35.74
N ALA B 110 -15.63 -1.30 14.03
CA ALA B 110 -14.26 -0.82 13.86
C ALA B 110 -13.63 -1.33 12.56
N SER B 111 -12.48 -2.00 12.66
CA SER B 111 -11.74 -2.48 11.47
C SER B 111 -11.36 -1.31 10.55
N ILE B 112 -11.55 -0.10 11.07
CA ILE B 112 -11.30 1.13 10.33
C ILE B 112 -10.43 2.03 11.18
N PRO B 113 -9.20 2.33 10.71
CA PRO B 113 -8.30 3.21 11.45
C PRO B 113 -9.03 4.45 11.95
N HIS B 114 -8.44 5.15 12.90
CA HIS B 114 -9.17 6.24 13.51
C HIS B 114 -9.27 7.44 12.60
N LEU B 115 -8.24 7.64 11.80
CA LEU B 115 -8.24 8.77 10.86
C LEU B 115 -9.38 8.59 9.86
N ILE B 116 -9.45 7.41 9.25
CA ILE B 116 -10.51 7.15 8.28
C ILE B 116 -11.91 7.36 8.86
N LEU B 117 -12.03 7.21 10.18
CA LEU B 117 -13.32 7.44 10.86
C LEU B 117 -13.61 8.92 11.01
N GLU B 118 -12.55 9.72 11.15
CA GLU B 118 -12.68 11.16 11.18
C GLU B 118 -13.19 11.66 9.83
N LEU B 119 -12.41 11.39 8.78
CA LEU B 119 -12.75 11.76 7.40
C LEU B 119 -14.17 11.33 6.99
N LEU B 120 -14.59 10.13 7.38
CA LEU B 120 -15.93 9.65 7.04
C LEU B 120 -17.00 10.52 7.69
N LYS B 121 -16.63 11.17 8.79
CA LYS B 121 -17.53 12.03 9.56
C LYS B 121 -17.65 13.41 8.90
N CYS B 122 -16.80 13.67 7.90
CA CYS B 122 -16.84 14.93 7.17
C CYS B 122 -17.57 14.82 5.82
N GLU B 123 -18.16 13.65 5.58
CA GLU B 123 -18.91 13.36 4.36
C GLU B 123 -20.26 14.05 4.35
N PRO B 124 -20.73 14.44 3.16
CA PRO B 124 -22.02 15.12 2.99
C PRO B 124 -23.16 14.11 2.87
N ASP B 125 -24.39 14.57 3.07
CA ASP B 125 -25.53 13.68 2.97
C ASP B 125 -25.90 13.50 1.51
N GLU B 126 -25.65 12.30 0.99
CA GLU B 126 -25.85 12.06 -0.43
C GLU B 126 -27.26 12.38 -0.91
N PRO B 127 -28.30 11.76 -0.31
CA PRO B 127 -29.67 11.93 -0.79
C PRO B 127 -30.20 13.35 -0.59
N GLN B 128 -29.54 14.13 0.27
CA GLN B 128 -29.93 15.51 0.54
C GLN B 128 -29.41 16.43 -0.55
N VAL B 129 -28.11 16.41 -0.77
CA VAL B 129 -27.47 17.28 -1.76
C VAL B 129 -27.83 16.90 -3.20
N GLN B 130 -28.39 15.72 -3.39
CA GLN B 130 -28.81 15.25 -4.72
C GLN B 130 -30.17 15.82 -5.11
N ALA B 131 -30.99 16.13 -4.11
CA ALA B 131 -32.29 16.73 -4.34
C ALA B 131 -32.15 18.24 -4.39
N LYS B 132 -31.23 18.77 -3.57
CA LYS B 132 -30.92 20.19 -3.58
C LYS B 132 -30.42 20.61 -4.97
N ILE B 133 -29.54 19.80 -5.54
CA ILE B 133 -28.96 20.07 -6.85
C ILE B 133 -29.97 19.93 -7.99
N MET B 134 -30.85 18.95 -7.92
CA MET B 134 -31.85 18.77 -8.96
C MET B 134 -32.92 19.84 -8.87
N ALA B 135 -33.23 20.24 -7.63
CA ALA B 135 -34.23 21.27 -7.38
C ALA B 135 -33.67 22.65 -7.72
N TYR B 136 -32.37 22.72 -7.97
CA TYR B 136 -31.75 23.96 -8.40
C TYR B 136 -31.83 24.05 -9.93
N LEU B 137 -31.47 22.96 -10.60
CA LEU B 137 -31.49 22.92 -12.06
C LEU B 137 -32.91 22.98 -12.59
N GLN B 138 -33.86 22.48 -11.81
CA GLN B 138 -35.27 22.50 -12.20
C GLN B 138 -35.76 23.94 -12.35
N GLN B 139 -35.49 24.76 -11.34
CA GLN B 139 -35.93 26.16 -11.34
C GLN B 139 -35.04 27.01 -12.24
N GLU B 140 -33.99 26.41 -12.78
CA GLU B 140 -33.13 27.11 -13.74
C GLU B 140 -33.81 27.26 -15.10
N GLN B 141 -34.56 26.22 -15.48
CA GLN B 141 -35.40 26.30 -16.67
C GLN B 141 -36.78 26.86 -16.30
N ALA B 142 -36.78 28.12 -15.86
CA ALA B 142 -37.98 28.81 -15.41
C ALA B 142 -37.68 30.28 -15.08
N LYS B 149 -33.65 29.72 -23.27
CA LYS B 149 -33.27 28.59 -22.42
C LYS B 149 -31.78 28.28 -22.57
N LEU B 150 -31.37 27.14 -22.01
CA LEU B 150 -30.02 26.60 -22.23
C LEU B 150 -29.97 25.11 -22.59
N SER B 151 -28.90 24.74 -23.28
CA SER B 151 -28.73 23.42 -23.89
C SER B 151 -28.45 22.31 -22.88
N THR B 152 -28.39 21.08 -23.37
CA THR B 152 -27.97 19.97 -22.51
C THR B 152 -26.59 20.24 -21.91
N PHE B 153 -25.63 20.61 -22.77
CA PHE B 153 -24.30 20.99 -22.31
C PHE B 153 -24.34 22.12 -21.28
N GLY B 154 -25.32 23.01 -21.40
CA GLY B 154 -25.52 24.09 -20.47
C GLY B 154 -26.09 23.63 -19.15
N LEU B 155 -27.05 22.71 -19.20
CA LEU B 155 -27.50 22.04 -17.98
C LEU B 155 -26.33 21.38 -17.25
N MET B 156 -25.54 20.58 -17.98
CA MET B 156 -24.42 19.85 -17.39
C MET B 156 -23.34 20.79 -16.82
N CYS B 157 -23.13 21.92 -17.46
CA CYS B 157 -22.19 22.92 -16.95
C CYS B 157 -22.67 23.49 -15.64
N LYS B 158 -24.00 23.59 -15.52
CA LYS B 158 -24.63 24.18 -14.35
C LYS B 158 -24.58 23.18 -13.20
N MET B 159 -24.82 21.93 -13.54
CA MET B 159 -24.71 20.80 -12.61
C MET B 159 -23.28 20.67 -12.10
N ALA B 160 -22.33 20.42 -12.99
CA ALA B 160 -20.93 20.40 -12.58
C ALA B 160 -20.61 21.58 -11.67
N ASP B 161 -21.15 22.75 -12.01
CA ASP B 161 -20.96 23.99 -11.26
C ASP B 161 -21.41 23.81 -9.82
N GLN B 162 -22.61 23.27 -9.66
CA GLN B 162 -23.19 22.96 -8.37
C GLN B 162 -22.42 21.87 -7.62
N THR B 163 -22.13 20.75 -8.28
CA THR B 163 -21.33 19.69 -7.66
C THR B 163 -20.08 20.31 -7.04
N LEU B 164 -19.37 21.13 -7.83
CA LEU B 164 -18.17 21.80 -7.33
C LEU B 164 -18.46 22.68 -6.11
N PHE B 165 -19.70 23.16 -5.97
CA PHE B 165 -20.04 23.89 -4.75
C PHE B 165 -20.11 22.94 -3.54
N SER B 166 -20.85 21.85 -3.67
CA SER B 166 -20.82 20.79 -2.66
C SER B 166 -19.40 20.42 -2.24
N ILE B 167 -18.52 20.21 -3.22
CA ILE B 167 -17.14 19.81 -2.93
C ILE B 167 -16.37 20.83 -2.07
N VAL B 168 -16.49 22.13 -2.38
CA VAL B 168 -15.84 23.17 -1.55
C VAL B 168 -16.47 23.28 -0.15
N GLU B 169 -17.78 23.07 -0.08
CA GLU B 169 -18.49 23.00 1.20
C GLU B 169 -17.89 21.86 2.00
N TRP B 170 -17.92 20.67 1.41
CA TRP B 170 -17.38 19.47 2.04
C TRP B 170 -15.99 19.74 2.61
N ALA B 171 -15.22 20.57 1.91
CA ALA B 171 -13.85 20.84 2.32
C ALA B 171 -13.76 21.70 3.59
N ARG B 172 -14.78 21.54 4.45
CA ARG B 172 -14.80 21.97 5.87
C ARG B 172 -14.33 20.80 6.76
N SER B 173 -13.02 20.61 6.83
CA SER B 173 -12.41 19.52 7.61
C SER B 173 -10.89 19.72 7.71
N SER B 174 -10.21 18.81 8.43
CA SER B 174 -8.76 18.96 8.69
C SER B 174 -8.03 19.79 7.63
N GLN B 185 -5.79 27.27 1.06
CA GLN B 185 -7.12 26.73 0.83
C GLN B 185 -7.54 26.89 -0.62
N MET B 186 -7.42 28.11 -1.13
CA MET B 186 -7.80 28.35 -2.50
C MET B 186 -6.61 28.00 -3.40
N LYS B 187 -5.43 27.92 -2.79
CA LYS B 187 -4.26 27.46 -3.53
C LYS B 187 -4.34 25.95 -3.78
N LEU B 188 -5.01 25.23 -2.88
CA LEU B 188 -5.22 23.80 -3.02
C LEU B 188 -6.38 23.54 -3.95
N LEU B 189 -7.56 24.02 -3.57
CA LEU B 189 -8.74 23.89 -4.41
C LEU B 189 -8.47 24.21 -5.89
N GLN B 190 -7.65 25.23 -6.17
CA GLN B 190 -7.31 25.55 -7.56
C GLN B 190 -6.41 24.50 -8.24
N ASN B 191 -5.85 23.60 -7.44
CA ASN B 191 -5.07 22.50 -7.98
C ASN B 191 -5.94 21.32 -8.45
N CYS B 192 -6.87 20.91 -7.60
CA CYS B 192 -7.56 19.64 -7.78
C CYS B 192 -9.05 19.74 -8.10
N TRP B 193 -9.57 20.96 -8.27
CA TRP B 193 -11.02 21.11 -8.40
C TRP B 193 -11.54 20.13 -9.44
N SER B 194 -10.82 20.02 -10.56
CA SER B 194 -11.20 19.16 -11.66
C SER B 194 -10.97 17.69 -11.32
N GLU B 195 -9.84 17.39 -10.66
CA GLU B 195 -9.52 16.04 -10.18
C GLU B 195 -10.58 15.55 -9.19
N LEU B 196 -10.97 16.42 -8.27
CA LEU B 196 -12.08 16.12 -7.37
C LEU B 196 -13.41 15.88 -8.10
N LEU B 197 -13.70 16.68 -9.12
CA LEU B 197 -14.94 16.51 -9.86
C LEU B 197 -14.96 15.21 -10.64
N ILE B 198 -13.82 14.84 -11.21
CA ILE B 198 -13.68 13.55 -11.88
C ILE B 198 -13.82 12.40 -10.89
N LEU B 199 -13.02 12.44 -9.83
CA LEU B 199 -13.03 11.41 -8.79
C LEU B 199 -14.43 11.18 -8.20
N ASP B 200 -15.14 12.26 -7.88
CA ASP B 200 -16.55 12.15 -7.54
C ASP B 200 -17.37 11.40 -8.60
N HIS B 201 -17.30 11.84 -9.84
CA HIS B 201 -18.05 11.21 -10.91
C HIS B 201 -17.72 9.71 -11.05
N ILE B 202 -16.42 9.40 -11.03
CA ILE B 202 -15.97 8.03 -11.12
C ILE B 202 -16.51 7.15 -9.99
N TYR B 203 -16.42 7.64 -8.75
CA TYR B 203 -16.95 6.88 -7.63
C TYR B 203 -18.46 6.61 -7.71
N ARG B 204 -19.20 7.50 -8.35
CA ARG B 204 -20.64 7.31 -8.52
C ARG B 204 -20.90 6.12 -9.44
N GLN B 205 -20.01 5.90 -10.40
CA GLN B 205 -20.18 4.84 -11.38
C GLN B 205 -19.74 3.49 -10.82
N VAL B 206 -18.74 3.55 -9.92
CA VAL B 206 -18.23 2.38 -9.23
C VAL B 206 -19.28 1.84 -8.27
N VAL B 207 -20.01 2.76 -7.62
CA VAL B 207 -21.06 2.38 -6.69
C VAL B 207 -22.38 2.09 -7.40
N HIS B 208 -22.99 3.12 -7.98
CA HIS B 208 -24.35 3.03 -8.53
C HIS B 208 -24.37 2.65 -9.99
N GLY B 209 -23.21 2.55 -10.61
CA GLY B 209 -23.14 2.37 -12.06
C GLY B 209 -23.71 1.08 -12.61
N LYS B 210 -24.74 1.20 -13.44
CA LYS B 210 -25.25 0.06 -14.20
C LYS B 210 -24.48 -0.01 -15.52
N GLU B 211 -24.59 -1.12 -16.23
CA GLU B 211 -23.82 -1.28 -17.45
C GLU B 211 -24.48 -0.58 -18.62
N GLY B 212 -23.67 0.06 -19.46
CA GLY B 212 -24.18 0.72 -20.64
C GLY B 212 -24.72 2.11 -20.42
N SER B 213 -25.11 2.42 -19.18
CA SER B 213 -25.59 3.76 -18.83
C SER B 213 -24.63 4.51 -17.88
N ILE B 214 -25.11 5.62 -17.31
CA ILE B 214 -24.31 6.48 -16.47
C ILE B 214 -25.20 7.31 -15.52
N PHE B 215 -24.75 7.43 -14.28
CA PHE B 215 -25.53 8.13 -13.26
C PHE B 215 -24.92 9.47 -12.87
N LEU B 216 -25.75 10.51 -12.84
CA LEU B 216 -25.30 11.85 -12.52
C LEU B 216 -25.70 12.15 -11.10
N VAL B 217 -25.12 13.22 -10.54
CA VAL B 217 -25.35 13.59 -9.14
C VAL B 217 -26.82 13.90 -8.87
N THR B 218 -27.62 13.89 -9.93
CA THR B 218 -29.05 14.20 -9.81
C THR B 218 -29.87 12.92 -9.81
N GLY B 219 -29.29 11.85 -10.34
CA GLY B 219 -29.98 10.58 -10.44
C GLY B 219 -30.23 10.14 -11.87
N GLN B 220 -30.16 11.06 -12.81
CA GLN B 220 -30.47 10.74 -14.20
C GLN B 220 -29.60 9.59 -14.69
N GLN B 221 -30.10 8.85 -15.68
CA GLN B 221 -29.40 7.70 -16.21
C GLN B 221 -29.23 7.80 -17.74
N VAL B 222 -28.20 8.53 -18.14
CA VAL B 222 -27.86 8.72 -19.54
C VAL B 222 -27.20 7.46 -20.11
N ASP B 223 -27.86 6.82 -21.07
CA ASP B 223 -27.28 5.64 -21.69
C ASP B 223 -26.12 6.02 -22.59
N TYR B 224 -25.16 5.11 -22.77
CA TYR B 224 -24.02 5.41 -23.62
C TYR B 224 -24.41 5.49 -25.09
N SER B 225 -25.58 4.96 -25.42
CA SER B 225 -26.13 5.08 -26.77
C SER B 225 -26.28 6.56 -27.08
N ILE B 226 -26.91 7.27 -26.14
CA ILE B 226 -27.13 8.71 -26.21
C ILE B 226 -25.82 9.51 -26.23
N ILE B 227 -24.85 9.08 -25.43
CA ILE B 227 -23.55 9.74 -25.37
C ILE B 227 -22.89 9.67 -26.74
N ALA B 228 -22.94 8.49 -27.36
CA ALA B 228 -22.29 8.27 -28.66
C ALA B 228 -23.07 8.87 -29.84
N SER B 229 -24.38 9.00 -29.65
CA SER B 229 -25.29 9.58 -30.64
C SER B 229 -25.18 11.12 -30.72
N GLN B 230 -25.33 11.78 -29.58
CA GLN B 230 -25.24 13.24 -29.51
C GLN B 230 -23.79 13.74 -29.48
N ALA B 231 -23.12 13.51 -28.35
CA ALA B 231 -21.77 14.03 -28.10
C ALA B 231 -20.76 13.71 -29.20
N GLY B 232 -19.72 14.55 -29.30
CA GLY B 232 -18.67 14.38 -30.28
C GLY B 232 -17.49 13.55 -29.83
N ALA B 233 -16.45 13.50 -30.66
CA ALA B 233 -15.32 12.59 -30.44
C ALA B 233 -14.64 12.79 -29.10
N THR B 234 -14.20 14.02 -28.84
CA THR B 234 -13.46 14.36 -27.64
C THR B 234 -14.14 13.91 -26.34
N LEU B 235 -15.40 14.29 -26.18
CA LEU B 235 -16.16 13.92 -24.98
C LEU B 235 -16.42 12.41 -24.86
N ASN B 236 -16.57 11.74 -26.01
CA ASN B 236 -16.72 10.29 -26.01
C ASN B 236 -15.46 9.61 -25.53
N ASN B 237 -14.30 10.18 -25.86
CA ASN B 237 -13.03 9.66 -25.36
C ASN B 237 -12.85 9.85 -23.86
N LEU B 238 -13.25 11.01 -23.36
CA LEU B 238 -13.26 11.28 -21.92
C LEU B 238 -14.11 10.25 -21.18
N MET B 239 -15.27 9.92 -21.73
CA MET B 239 -16.13 8.90 -21.13
C MET B 239 -15.49 7.51 -21.14
N SER B 240 -14.87 7.15 -22.26
CA SER B 240 -14.15 5.89 -22.38
C SER B 240 -13.09 5.74 -21.29
N HIS B 241 -12.32 6.81 -21.06
CA HIS B 241 -11.30 6.80 -20.02
C HIS B 241 -11.86 6.67 -18.61
N ALA B 242 -12.98 7.32 -18.36
CA ALA B 242 -13.61 7.23 -17.06
C ALA B 242 -14.14 5.82 -16.86
N GLN B 243 -14.52 5.15 -17.94
CA GLN B 243 -15.00 3.77 -17.80
C GLN B 243 -13.86 2.74 -17.64
N GLU B 244 -12.71 2.98 -18.25
CA GLU B 244 -11.53 2.17 -17.97
C GLU B 244 -11.19 2.27 -16.47
N LEU B 245 -11.36 3.47 -15.90
CA LEU B 245 -11.08 3.67 -14.49
C LEU B 245 -12.12 3.03 -13.55
N VAL B 246 -13.40 3.16 -13.90
CA VAL B 246 -14.48 2.63 -13.09
C VAL B 246 -14.42 1.11 -13.04
N ALA B 247 -14.16 0.52 -14.20
CA ALA B 247 -13.88 -0.90 -14.33
C ALA B 247 -12.78 -1.29 -13.37
N LYS B 248 -11.64 -0.61 -13.51
CA LYS B 248 -10.45 -0.90 -12.72
C LYS B 248 -10.76 -0.86 -11.23
N LEU B 249 -11.53 0.14 -10.81
CA LEU B 249 -11.81 0.32 -9.39
C LEU B 249 -12.84 -0.67 -8.88
N ARG B 250 -13.83 -1.03 -9.70
CA ARG B 250 -14.76 -2.06 -9.29
C ARG B 250 -14.05 -3.40 -9.16
N SER B 251 -13.11 -3.64 -10.07
CA SER B 251 -12.26 -4.82 -10.02
C SER B 251 -11.42 -4.88 -8.73
N LEU B 252 -10.95 -3.71 -8.28
CA LEU B 252 -10.20 -3.63 -7.02
C LEU B 252 -11.09 -3.68 -5.78
N GLN B 253 -12.40 -3.67 -5.99
CA GLN B 253 -13.37 -3.56 -4.90
C GLN B 253 -13.25 -2.26 -4.09
N PHE B 254 -13.06 -1.15 -4.82
CA PHE B 254 -12.93 0.19 -4.25
C PHE B 254 -14.14 0.51 -3.38
N ASP B 255 -13.89 0.85 -2.11
CA ASP B 255 -14.98 1.11 -1.18
C ASP B 255 -14.93 2.50 -0.56
N GLN B 256 -15.98 2.85 0.17
CA GLN B 256 -16.09 4.20 0.68
C GLN B 256 -14.89 4.67 1.48
N ARG B 257 -14.33 3.80 2.31
CA ARG B 257 -13.24 4.18 3.19
C ARG B 257 -12.01 4.61 2.39
N GLU B 258 -11.69 3.83 1.36
CA GLU B 258 -10.61 4.18 0.43
C GLU B 258 -10.97 5.41 -0.41
N PHE B 259 -12.23 5.50 -0.82
CA PHE B 259 -12.72 6.67 -1.53
C PHE B 259 -12.38 7.98 -0.83
N VAL B 260 -12.75 8.11 0.45
CA VAL B 260 -12.53 9.36 1.14
C VAL B 260 -11.04 9.60 1.36
N CYS B 261 -10.26 8.52 1.40
CA CYS B 261 -8.82 8.66 1.56
C CYS B 261 -8.21 9.30 0.35
N LEU B 262 -8.74 8.96 -0.81
CA LEU B 262 -8.21 9.44 -2.07
C LEU B 262 -8.55 10.91 -2.26
N LYS B 263 -9.77 11.26 -1.87
CA LYS B 263 -10.17 12.68 -1.84
C LYS B 263 -9.08 13.51 -1.19
N PHE B 264 -8.75 13.16 0.05
CA PHE B 264 -7.77 13.93 0.82
C PHE B 264 -6.38 13.91 0.21
N LEU B 265 -6.02 12.78 -0.40
CA LEU B 265 -4.74 12.67 -1.08
C LEU B 265 -4.73 13.52 -2.34
N VAL B 266 -5.90 13.76 -2.90
CA VAL B 266 -6.05 14.58 -4.10
C VAL B 266 -6.09 16.07 -3.77
N LEU B 267 -6.86 16.39 -2.74
CA LEU B 267 -6.95 17.74 -2.21
C LEU B 267 -5.57 18.21 -1.72
N PHE B 268 -5.07 17.53 -0.69
CA PHE B 268 -3.78 17.83 -0.08
C PHE B 268 -2.61 17.38 -0.94
N SER B 269 -2.51 17.97 -2.12
CA SER B 269 -1.44 17.67 -3.08
C SER B 269 -0.04 18.04 -2.54
N LEU B 270 0.98 17.28 -2.95
CA LEU B 270 2.36 17.62 -2.65
C LEU B 270 2.96 18.45 -3.78
N ASP B 271 2.09 18.99 -4.62
CA ASP B 271 2.51 19.69 -5.83
C ASP B 271 2.17 21.17 -5.78
N VAL B 272 1.49 21.61 -4.73
CA VAL B 272 1.18 23.03 -4.57
C VAL B 272 2.39 23.77 -4.00
N GLN B 279 3.49 22.16 4.21
CA GLN B 279 3.52 22.32 5.66
C GLN B 279 2.65 21.28 6.39
N LEU B 280 1.36 21.59 6.49
CA LEU B 280 0.36 20.68 7.07
C LEU B 280 -0.09 19.67 6.00
N VAL B 281 0.55 19.74 4.83
CA VAL B 281 0.20 18.92 3.68
C VAL B 281 0.97 17.60 3.68
N GLU B 282 2.29 17.67 3.57
CA GLU B 282 3.14 16.51 3.82
C GLU B 282 2.56 15.80 5.02
N GLY B 283 2.22 16.59 6.04
CA GLY B 283 1.61 16.09 7.25
C GLY B 283 0.41 15.20 7.00
N VAL B 284 -0.60 15.76 6.36
CA VAL B 284 -1.85 15.03 6.12
C VAL B 284 -1.67 13.90 5.11
N GLN B 285 -0.75 14.10 4.18
CA GLN B 285 -0.38 13.09 3.19
C GLN B 285 0.24 11.85 3.85
N GLU B 286 1.25 12.05 4.71
CA GLU B 286 1.90 10.94 5.41
C GLU B 286 0.88 10.15 6.19
N GLN B 287 0.00 10.87 6.90
CA GLN B 287 -0.97 10.28 7.82
C GLN B 287 -2.04 9.48 7.12
N VAL B 288 -2.61 10.05 6.06
CA VAL B 288 -3.66 9.41 5.29
C VAL B 288 -3.10 8.21 4.53
N ASN B 289 -1.90 8.37 3.99
CA ASN B 289 -1.18 7.24 3.42
C ASN B 289 -1.08 6.08 4.41
N ALA B 290 -0.51 6.35 5.58
CA ALA B 290 -0.38 5.33 6.61
C ALA B 290 -1.73 4.63 6.87
N ALA B 291 -2.77 5.42 7.13
CA ALA B 291 -4.08 4.85 7.45
C ALA B 291 -4.64 4.01 6.32
N LEU B 292 -4.53 4.51 5.08
CA LEU B 292 -5.06 3.80 3.92
C LEU B 292 -4.33 2.47 3.71
N LEU B 293 -3.01 2.52 3.77
CA LEU B 293 -2.18 1.31 3.68
C LEU B 293 -2.56 0.23 4.72
N ASP B 294 -2.73 0.63 5.98
CA ASP B 294 -3.21 -0.30 6.99
C ASP B 294 -4.64 -0.78 6.70
N TYR B 295 -5.52 0.12 6.28
CA TYR B 295 -6.92 -0.24 6.11
C TYR B 295 -7.09 -1.37 5.07
N THR B 296 -6.36 -1.26 3.96
CA THR B 296 -6.52 -2.16 2.80
C THR B 296 -5.75 -3.46 2.97
N MET B 297 -4.60 -3.37 3.63
CA MET B 297 -3.85 -4.56 3.98
C MET B 297 -4.72 -5.46 4.87
N CYS B 298 -5.35 -4.86 5.87
CA CYS B 298 -6.15 -5.65 6.81
C CYS B 298 -7.56 -6.04 6.32
N ASN B 299 -8.17 -5.21 5.49
CA ASN B 299 -9.53 -5.49 5.02
C ASN B 299 -9.62 -6.21 3.68
N TYR B 300 -8.56 -6.14 2.87
CA TYR B 300 -8.52 -6.89 1.62
C TYR B 300 -7.23 -7.73 1.50
N PRO B 301 -6.99 -8.62 2.49
CA PRO B 301 -5.79 -9.48 2.56
C PRO B 301 -5.52 -10.24 1.28
N GLN B 302 -6.56 -10.71 0.60
CA GLN B 302 -6.39 -11.47 -0.64
C GLN B 302 -5.92 -10.63 -1.83
N GLN B 303 -5.83 -9.32 -1.66
CA GLN B 303 -5.30 -8.45 -2.73
C GLN B 303 -3.96 -7.89 -2.31
N THR B 304 -2.89 -8.61 -2.65
CA THR B 304 -1.55 -8.27 -2.18
C THR B 304 -1.16 -6.87 -2.64
N GLU B 305 -1.82 -6.40 -3.67
CA GLU B 305 -1.34 -5.25 -4.42
C GLU B 305 -2.27 -4.01 -4.36
N LYS B 306 -3.36 -4.10 -3.61
CA LYS B 306 -4.39 -3.06 -3.64
C LYS B 306 -3.93 -1.61 -3.38
N PHE B 307 -3.26 -1.38 -2.26
CA PHE B 307 -2.76 -0.05 -1.93
C PHE B 307 -2.09 0.62 -3.12
N GLY B 308 -1.17 -0.11 -3.74
CA GLY B 308 -0.37 0.42 -4.82
C GLY B 308 -1.24 0.64 -6.03
N GLN B 309 -2.24 -0.21 -6.20
CA GLN B 309 -3.12 -0.09 -7.35
C GLN B 309 -3.97 1.20 -7.27
N LEU B 310 -4.61 1.41 -6.11
CA LEU B 310 -5.35 2.64 -5.86
C LEU B 310 -4.52 3.89 -6.15
N LEU B 311 -3.30 3.94 -5.63
CA LEU B 311 -2.45 5.11 -5.78
C LEU B 311 -2.13 5.41 -7.24
N LEU B 312 -2.10 4.37 -8.07
CA LEU B 312 -1.84 4.49 -9.50
C LEU B 312 -3.04 5.04 -10.26
N ARG B 313 -4.22 4.94 -9.68
CA ARG B 313 -5.35 5.61 -10.28
C ARG B 313 -5.21 7.14 -10.17
N LEU B 314 -4.48 7.65 -9.18
CA LEU B 314 -4.37 9.11 -9.00
C LEU B 314 -3.79 9.90 -10.19
N PRO B 315 -2.70 9.40 -10.79
CA PRO B 315 -2.16 10.02 -12.01
C PRO B 315 -3.06 9.78 -13.23
N GLU B 316 -3.85 8.72 -13.24
CA GLU B 316 -4.83 8.52 -14.31
C GLU B 316 -5.95 9.56 -14.21
N ILE B 317 -6.43 9.80 -12.98
CA ILE B 317 -7.43 10.81 -12.72
C ILE B 317 -6.93 12.20 -13.14
N ARG B 318 -5.69 12.53 -12.79
CA ARG B 318 -5.11 13.79 -13.21
C ARG B 318 -5.05 13.96 -14.74
N ALA B 319 -4.60 12.92 -15.44
CA ALA B 319 -4.57 12.91 -16.90
C ALA B 319 -5.96 13.11 -17.54
N ILE B 320 -6.97 12.47 -16.97
CA ILE B 320 -8.33 12.67 -17.44
C ILE B 320 -8.80 14.08 -17.11
N SER B 321 -8.35 14.63 -15.98
CA SER B 321 -8.77 15.97 -15.59
C SER B 321 -8.13 17.04 -16.48
N MET B 322 -6.92 16.76 -16.98
CA MET B 322 -6.25 17.67 -17.91
C MET B 322 -6.97 17.70 -19.26
N GLN B 323 -7.42 16.54 -19.71
CA GLN B 323 -8.21 16.45 -20.93
C GLN B 323 -9.61 17.04 -20.74
N ALA B 324 -10.06 17.13 -19.50
CA ALA B 324 -11.40 17.61 -19.24
C ALA B 324 -11.41 19.14 -19.18
N GLU B 325 -10.31 19.69 -18.69
CA GLU B 325 -10.11 21.12 -18.68
C GLU B 325 -10.00 21.66 -20.12
N GLU B 326 -9.15 21.01 -20.91
CA GLU B 326 -8.91 21.44 -22.28
C GLU B 326 -10.19 21.40 -23.11
N TYR B 327 -10.95 20.31 -23.03
CA TYR B 327 -12.24 20.22 -23.71
C TYR B 327 -13.18 21.35 -23.29
N LEU B 328 -13.25 21.63 -22.00
CA LEU B 328 -14.16 22.66 -21.51
C LEU B 328 -13.66 24.06 -21.89
N TYR B 329 -12.34 24.24 -21.87
CA TYR B 329 -11.75 25.48 -22.32
C TYR B 329 -12.17 25.81 -23.77
N TYR B 330 -12.19 24.82 -24.65
CA TYR B 330 -12.59 25.02 -26.05
C TYR B 330 -14.08 25.32 -26.19
N LYS B 331 -14.91 24.69 -25.37
CA LYS B 331 -16.33 25.00 -25.31
C LYS B 331 -16.56 26.46 -24.86
N HIS B 332 -15.67 26.96 -24.00
CA HIS B 332 -15.74 28.34 -23.54
C HIS B 332 -15.37 29.35 -24.66
N LEU B 333 -14.32 29.06 -25.42
CA LEU B 333 -13.86 29.94 -26.49
C LEU B 333 -14.90 30.07 -27.61
N ASN B 334 -15.94 29.25 -27.54
CA ASN B 334 -16.91 29.08 -28.62
C ASN B 334 -18.29 29.48 -28.15
N GLY B 335 -18.33 30.10 -26.97
CA GLY B 335 -19.57 30.61 -26.40
C GLY B 335 -20.56 29.57 -25.90
N ASP B 336 -20.13 28.31 -25.82
CA ASP B 336 -21.03 27.23 -25.42
C ASP B 336 -21.30 27.18 -23.91
N VAL B 337 -20.40 27.76 -23.11
CA VAL B 337 -20.54 27.80 -21.66
C VAL B 337 -21.45 28.93 -21.21
N PRO B 338 -22.31 28.68 -20.19
CA PRO B 338 -23.24 29.69 -19.67
C PRO B 338 -22.52 30.91 -19.08
N TYR B 339 -23.12 32.09 -19.25
CA TYR B 339 -22.51 33.36 -18.84
C TYR B 339 -21.79 33.19 -17.50
N ASN B 340 -22.47 32.63 -16.51
CA ASN B 340 -21.86 32.42 -15.21
C ASN B 340 -21.58 30.95 -14.88
N ASN B 341 -20.32 30.66 -14.53
CA ASN B 341 -20.01 29.35 -14.01
C ASN B 341 -18.64 29.25 -13.31
N LEU B 342 -18.66 28.60 -12.14
CA LEU B 342 -17.49 28.46 -11.27
C LEU B 342 -16.31 27.75 -11.94
N LEU B 343 -16.62 26.76 -12.78
CA LEU B 343 -15.59 25.98 -13.43
C LEU B 343 -14.56 26.86 -14.14
N ILE B 344 -15.04 27.75 -15.01
CA ILE B 344 -14.19 28.65 -15.79
C ILE B 344 -13.39 29.62 -14.93
N GLU B 345 -14.04 30.21 -13.93
CA GLU B 345 -13.31 31.01 -12.95
C GLU B 345 -12.08 30.25 -12.43
N MET B 346 -12.30 29.04 -11.92
CA MET B 346 -11.22 28.17 -11.45
C MET B 346 -10.19 27.87 -12.54
N LEU B 347 -10.66 27.50 -13.73
CA LEU B 347 -9.79 27.26 -14.88
C LEU B 347 -8.87 28.45 -15.20
N HIS B 348 -9.44 29.65 -15.19
CA HIS B 348 -8.70 30.86 -15.53
C HIS B 348 -7.68 31.28 -14.48
N ALA B 349 -7.92 30.94 -13.21
CA ALA B 349 -6.93 31.15 -12.15
C ALA B 349 -5.90 30.01 -12.08
C1 P6L C . -18.22 17.37 -28.96
C2 P6L C . -16.70 17.14 -29.02
O3 P6L C . -16.10 16.65 -27.87
O4 P6L C . -23.41 17.35 -23.60
C5 P6L C . -23.07 16.71 -24.82
C6 P6L C . -24.27 15.89 -25.38
C7 P6L C . -22.44 17.63 -25.90
O8 P6L C . -25.17 15.41 -24.40
O9 P6L C . -21.33 16.98 -26.48
O10 P6L C . -19.58 18.96 -26.32
P11 P6L C . -20.21 17.84 -27.33
O12 P6L C . -18.98 16.87 -27.88
O13 P6L C . -20.90 18.50 -28.44
C14 P6L C . -22.45 17.66 -22.61
O15 P6L C . -23.12 18.14 -21.46
C16 P6L C . -25.27 14.00 -24.26
O17 P6L C . -24.09 13.35 -24.72
C18 P6L C . -21.46 16.50 -22.20
C19 P6L C . -20.91 16.58 -20.75
C20 P6L C . -20.24 17.93 -20.30
C21 P6L C . -20.12 18.30 -18.77
C22 P6L C . -20.06 19.83 -18.46
C23 P6L C . -18.96 20.45 -17.57
C24 P6L C . -17.54 19.80 -17.52
C25 P6L C . -16.87 19.32 -18.85
C26 P6L C . -15.52 18.56 -18.77
C27 P6L C . -25.84 13.48 -22.89
C28 P6L C . -25.34 14.09 -21.54
C29 P6L C . -23.92 13.68 -21.02
C30 P6L C . -23.45 14.12 -19.59
C31 P6L C . -21.95 13.92 -19.22
C32 P6L C . -21.66 13.22 -17.89
C33 P6L C . -20.41 13.67 -17.06
C34 P6L C . -20.54 15.06 -16.38
C35 P6L C . -19.85 15.21 -14.97
C36 P6L C . -18.40 14.67 -14.93
C37 P6L C . -15.52 17.05 -18.50
C38 P6L C . -17.50 15.30 -13.83
C39 P6L C . -17.14 16.79 -14.01
C40 P6L C . -15.93 17.09 -14.90
C41 P6L C . -14.75 17.83 -14.25
C42 P6L C . -13.60 18.18 -15.20
C43 P6L C . -13.17 19.65 -15.29
C44 P6L C . -13.98 20.61 -16.20
C45 P6L C . -16.51 16.11 -19.19
C46 P6L C . -16.25 14.57 -19.05
C47 P6L C . -15.86 14.03 -17.68
C48 P6L C . -15.48 12.55 -17.54
C49 P6L C . -16.61 11.58 -17.15
C50 P6L C . -15.91 18.17 -29.85
O51 P6L C . -14.78 17.71 -30.56
#